data_6W03
#
_entry.id   6W03
#
_cell.length_a   131.390
_cell.length_b   131.390
_cell.length_c   315.340
_cell.angle_alpha   90.000
_cell.angle_beta   90.000
_cell.angle_gamma   120.000
#
_symmetry.space_group_name_H-M   'P 63'
#
loop_
_entity.id
_entity.type
_entity.pdbx_description
1 polymer 'Envelope glycoprotein gp41'
2 polymer '35O22 scFv heavy chain'
3 polymer '35O22 scFv light chain'
4 polymer 'Envelope glycoprotein gp160'
5 polymer '3H109L Fab heavy chain'
6 polymer '3H109L Fab light chain'
7 branched alpha-D-mannopyranose-(1-6)-beta-D-mannopyranose-(1-4)-2-acetamido-2-deoxy-beta-D-glucopyranose-(1-4)-2-acetamido-2-deoxy-beta-D-glucopyranose
8 branched 2-acetamido-2-deoxy-beta-D-glucopyranose-(1-4)-2-acetamido-2-deoxy-beta-D-glucopyranose
9 branched alpha-D-mannopyranose-(1-3)-[alpha-D-mannopyranose-(1-6)]beta-D-mannopyranose-(1-4)-2-acetamido-2-deoxy-beta-D-glucopyranose-(1-4)-2-acetamido-2-deoxy-beta-D-glucopyranose
10 branched alpha-D-mannopyranose-(1-3)-beta-D-mannopyranose-(1-4)-2-acetamido-2-deoxy-beta-D-glucopyranose-(1-4)-2-acetamido-2-deoxy-beta-D-glucopyranose
11 branched alpha-D-mannopyranose-(1-3)-alpha-D-mannopyranose-(1-6)-[alpha-D-mannopyranose-(1-3)]beta-D-mannopyranose-(1-4)-2-acetamido-2-deoxy-beta-D-glucopyranose-(1-4)-2-acetamido-2-deoxy-beta-D-glucopyranose
12 branched alpha-D-mannopyranose-(1-2)-alpha-D-mannopyranose-(1-2)-alpha-D-mannopyranose-(1-3)-[alpha-D-mannopyranose-(1-2)-alpha-D-mannopyranose-(1-6)-[alpha-D-mannopyranose-(1-3)]alpha-D-mannopyranose-(1-6)]beta-D-mannopyranose-(1-4)-2-acetamido-2-deoxy-beta-D-glucopyranose-(1-4)-2-acetamido-2-deoxy-beta-D-glucopyranose
13 non-polymer 2-acetamido-2-deoxy-beta-D-glucopyranose
#
loop_
_entity_poly.entity_id
_entity_poly.type
_entity_poly.pdbx_seq_one_letter_code
_entity_poly.pdbx_strand_id
1 'polypeptide(L)'
;AVGIGAVFLGFLGAAGSTMGAASMTLTVQARNLLSGIVQQQSNLLRAPEAQQHLLKLTVWGIKQLQARVLAVERYLRDQQ
LLGIWGCSGKLICCTNVPWNSSWSNRNLSEIWDNMTWLQWDKEISNYTQIIYGLLEESQNQQEKNEQDLLALD
;
B
2 'polypeptide(L)'
;QGQLVQSGATTTKPGSSVKISCKTSGYRFNFYHINWIRQTAGRGPEWMGWISPYSGDKNLAPAFQDRVNMTTDTEVPVTS
FTSTGAAYMEIRNLTSDDTGTYFCAKGLLRDGSSTWLPYLWGQGTLLTVSSAST
;
D
3 'polypeptide(L)'
;SQSVLTQSASVSGSLGQSVTISCTGPNSVCCSHKSISWYQWPPGRAPTLIIYEDNERAPGISPRFSGYKSYWSAYLTISD
LRPEDETTYYCCSYTHNSGCVFGTGTKVSVLGQS
;
E
4 'polypeptide(L)'
;AENLWVTVYYGVPVWKDAETTLFCASDAKAYETEKHNVWATHACVPTDPNPQEIHLENVTEEFNMWKNNMVEQMHTDIIS
LWDQSLKPCVKLTPLCVTLQCTNVTNAITDDMRGELKNCSFNMTTELRDKKQKVYSLFYRLDVVQINENQGNRSNNSNKE
YRLINCNTSACTQACPKVSFEPIPIHYCAPAGFAILKCKDKKFNGTGPCPSVSTVQCTHGIKPVVSTQLLLNGSLAEEEV
MIRSENITNNAKNILVQFNTPVQINCTRPNNMTRKSIRIGPGQAFYALGDIIGDIRQPHCNVSKATWNETLGKVVKQLRK
HFGNNTIIRFANSSGGDLEVTTHSFNCGGEFFYCNTSGLFNSTWISNTSVQGSNSTGSNDSITLPCRIKQIINMWQRIGQ
CMYAPPIQGVIRCVSNITGLILTRDGGSTNSTTETFRPGGGDMRDNWRSELYKYKVVKIEPLGVAPTRCKRRVVGRRRRR
R
;
G
5 'polypeptide(L)'
;QVQLQESGPGLVKPSETLSLTCTVSGGSISNYYWSWIRQSPGKGLEWIGYISDSESTNYNPSLKSRVIISVDTSKNQLSL
KLNSVTAADSAIYYCARAQQGKRIYGMVSFGEFFYYYYMDVWGKGTTVTVSSASTKGPSVFPLAPSSKSTSGGTAALGCL
VKDYFPEPVTVSWNSGALTSGVHTFPAVLQSSGLYSLSSVVTVPSSSLGTQTYICNVNHKPSNTKVDKKVEPKSCDKGLE
VLFQ
;
H
6 'polypeptide(L)'
;SVTSYVRPLSVALGETASISCGRQALGSRAVQWYQHRPGQAPILLIYNNQDRPSGIPERFSGTPDINFGTRATLTISGVE
AGDEADYYCHMWDSRSGFSWSFGGATRLTVLGQPKAAPSVTLFPPSSEELQANKATLVCLISDFYPGAVTVAWKADSSPV
KAGVETTTPSKQSNNKYAASSYLSLTPMQWKMHKSYSCQVTHEGSTVEKTVAPTECS
;
L
#
# COMPACT_ATOMS: atom_id res chain seq x y z
N ALA A 6 -21.75 47.15 -13.19
CA ALA A 6 -21.85 46.20 -12.09
C ALA A 6 -20.97 44.98 -12.35
N VAL A 7 -20.63 44.26 -11.28
CA VAL A 7 -19.84 43.04 -11.36
C VAL A 7 -20.62 41.93 -10.68
N PHE A 8 -20.93 40.87 -11.45
CA PHE A 8 -21.71 39.74 -10.95
C PHE A 8 -20.88 39.00 -9.90
N LEU A 9 -20.92 39.52 -8.67
CA LEU A 9 -20.18 38.92 -7.58
C LEU A 9 -20.73 37.55 -7.19
N GLY A 10 -22.00 37.28 -7.44
CA GLY A 10 -22.58 35.99 -7.19
C GLY A 10 -23.31 35.93 -5.86
N PHE A 11 -23.52 34.69 -5.40
CA PHE A 11 -24.22 34.45 -4.14
C PHE A 11 -23.34 34.86 -2.97
N LEU A 12 -23.85 35.75 -2.12
CA LEU A 12 -23.09 36.30 -0.99
C LEU A 12 -21.81 37.01 -1.45
N GLY A 13 -21.83 37.54 -2.67
CA GLY A 13 -20.63 38.16 -3.20
C GLY A 13 -20.15 39.35 -2.39
N ALA A 14 -21.09 40.20 -1.96
CA ALA A 14 -20.76 41.40 -1.18
C ALA A 14 -20.92 41.17 0.31
N ALA A 15 -20.53 39.99 0.80
CA ALA A 15 -20.67 39.69 2.22
C ALA A 15 -19.69 40.52 3.05
N GLY A 16 -18.53 40.84 2.49
CA GLY A 16 -17.55 41.69 3.13
C GLY A 16 -17.52 43.11 2.61
N SER A 17 -18.50 43.51 1.83
CA SER A 17 -18.56 44.85 1.28
C SER A 17 -19.42 45.75 2.16
N THR A 18 -19.40 47.04 1.84
CA THR A 18 -20.23 48.00 2.58
C THR A 18 -21.70 47.72 2.35
N MET A 19 -22.52 48.08 3.34
CA MET A 19 -23.95 47.79 3.27
C MET A 19 -24.61 48.46 2.08
N GLY A 20 -24.07 49.61 1.64
CA GLY A 20 -24.61 50.24 0.44
C GLY A 20 -24.28 49.48 -0.82
N ALA A 21 -23.11 48.84 -0.86
CA ALA A 21 -22.75 48.03 -2.02
C ALA A 21 -23.52 46.72 -2.05
N ALA A 22 -23.70 46.08 -0.89
CA ALA A 22 -24.42 44.82 -0.84
C ALA A 22 -25.91 45.00 -1.11
N SER A 23 -26.45 46.17 -0.82
CA SER A 23 -27.88 46.41 -1.02
C SER A 23 -28.27 46.47 -2.49
N MET A 24 -27.30 46.66 -3.39
CA MET A 24 -27.60 46.67 -4.82
C MET A 24 -27.73 45.26 -5.39
N THR A 25 -27.21 44.25 -4.70
CA THR A 25 -27.20 42.87 -5.18
C THR A 25 -28.05 42.01 -4.25
N LEU A 26 -29.36 42.21 -4.30
CA LEU A 26 -30.28 41.50 -3.42
C LEU A 26 -30.97 40.32 -4.09
N THR A 27 -31.41 40.47 -5.35
CA THR A 27 -32.08 39.38 -6.03
C THR A 27 -31.17 38.17 -6.25
N VAL A 28 -29.87 38.32 -6.04
CA VAL A 28 -28.95 37.18 -6.15
C VAL A 28 -29.12 36.27 -4.95
N GLN A 29 -29.19 36.84 -3.75
CA GLN A 29 -29.47 36.05 -2.55
C GLN A 29 -30.95 35.71 -2.41
N ALA A 30 -31.83 36.35 -3.19
CA ALA A 30 -33.24 36.00 -3.16
C ALA A 30 -33.56 34.81 -4.04
N ARG A 31 -32.78 34.59 -5.10
CA ARG A 31 -32.99 33.42 -5.95
C ARG A 31 -32.59 32.14 -5.22
N ASN A 32 -31.38 32.10 -4.68
CA ASN A 32 -30.83 30.86 -4.14
C ASN A 32 -31.26 30.67 -2.69
N LEU A 33 -32.47 31.10 -2.36
CA LEU A 33 -33.02 30.94 -1.03
C LEU A 33 -34.08 29.84 -0.96
N LEU A 34 -34.47 29.28 -2.10
CA LEU A 34 -35.55 28.31 -2.15
C LEU A 34 -35.33 27.31 -3.26
N THR A 58 -35.67 3.35 1.15
CA THR A 58 -35.11 4.67 1.40
C THR A 58 -35.30 5.12 2.84
N VAL A 59 -34.19 5.44 3.50
CA VAL A 59 -34.23 6.01 4.85
C VAL A 59 -33.53 7.35 4.81
N TRP A 60 -32.64 7.52 3.83
CA TRP A 60 -31.91 8.78 3.68
C TRP A 60 -32.74 9.85 2.98
N GLY A 61 -33.74 9.45 2.19
CA GLY A 61 -34.72 10.41 1.71
C GLY A 61 -35.48 11.05 2.84
N ILE A 62 -35.69 10.31 3.94
CA ILE A 62 -36.33 10.89 5.12
C ILE A 62 -35.49 12.04 5.66
N LYS A 63 -34.16 11.93 5.58
CA LYS A 63 -33.30 13.05 5.96
C LYS A 63 -33.24 14.11 4.86
N GLN A 64 -33.47 13.72 3.61
CA GLN A 64 -33.51 14.69 2.52
C GLN A 64 -34.87 15.38 2.45
N LEU A 65 -35.95 14.61 2.59
CA LEU A 65 -37.27 15.22 2.65
C LEU A 65 -37.41 16.12 3.87
N GLN A 66 -36.65 15.85 4.94
CA GLN A 66 -36.65 16.72 6.10
C GLN A 66 -36.09 18.09 5.76
N ALA A 67 -34.93 18.11 5.09
CA ALA A 67 -34.31 19.37 4.71
C ALA A 67 -35.14 20.11 3.66
N ARG A 68 -35.87 19.36 2.82
CA ARG A 68 -36.72 19.99 1.82
C ARG A 68 -37.89 20.74 2.47
N VAL A 69 -38.46 20.16 3.53
CA VAL A 69 -39.58 20.82 4.20
C VAL A 69 -39.10 22.01 5.00
N LEU A 70 -37.99 21.85 5.74
CA LEU A 70 -37.44 22.97 6.50
C LEU A 70 -37.06 24.13 5.60
N ALA A 71 -36.69 23.84 4.36
CA ALA A 71 -36.33 24.91 3.42
C ALA A 71 -37.52 25.81 3.13
N VAL A 72 -38.70 25.22 2.89
CA VAL A 72 -39.87 26.05 2.64
C VAL A 72 -40.37 26.68 3.92
N GLU A 73 -40.12 26.06 5.07
CA GLU A 73 -40.58 26.61 6.34
C GLU A 73 -39.80 27.87 6.70
N ARG A 74 -38.47 27.79 6.63
CA ARG A 74 -37.64 28.96 6.91
C ARG A 74 -37.82 30.05 5.87
N TYR A 75 -38.26 29.71 4.66
CA TYR A 75 -38.50 30.72 3.64
C TYR A 75 -39.84 31.42 3.83
N LEU A 76 -40.89 30.65 4.17
CA LEU A 76 -42.20 31.25 4.37
C LEU A 76 -42.26 32.09 5.64
N ARG A 77 -41.37 31.85 6.60
CA ARG A 77 -41.32 32.71 7.78
C ARG A 77 -40.89 34.12 7.40
N ASP A 78 -39.88 34.25 6.55
CA ASP A 78 -39.46 35.57 6.08
C ASP A 78 -40.56 36.23 5.27
N GLN A 79 -41.32 35.44 4.51
CA GLN A 79 -42.41 35.99 3.71
C GLN A 79 -43.62 36.35 4.57
N GLN A 80 -43.92 35.53 5.58
CA GLN A 80 -45.00 35.86 6.50
C GLN A 80 -44.68 37.15 7.26
N LEU A 81 -43.42 37.32 7.68
CA LEU A 81 -43.01 38.56 8.32
C LEU A 81 -43.13 39.73 7.35
N LEU A 82 -42.62 39.55 6.12
CA LEU A 82 -42.73 40.60 5.12
C LEU A 82 -44.18 40.88 4.76
N GLY A 83 -45.05 39.87 4.87
CA GLY A 83 -46.44 40.05 4.49
C GLY A 83 -47.21 40.91 5.49
N ILE A 84 -46.95 40.71 6.78
CA ILE A 84 -47.67 41.45 7.82
C ILE A 84 -46.98 42.77 8.09
N TRP A 85 -46.01 43.13 7.25
CA TRP A 85 -45.33 44.41 7.32
C TRP A 85 -45.67 45.34 6.17
N GLY A 86 -46.43 44.86 5.18
CA GLY A 86 -46.65 45.63 3.96
C GLY A 86 -45.53 45.53 2.95
N CYS A 87 -44.47 44.81 3.25
CA CYS A 87 -43.34 44.64 2.35
C CYS A 87 -43.49 43.44 1.43
N SER A 88 -44.65 42.78 1.44
CA SER A 88 -44.89 41.61 0.61
C SER A 88 -44.68 41.93 -0.87
N GLY A 89 -43.59 41.43 -1.44
CA GLY A 89 -43.23 41.70 -2.81
C GLY A 89 -42.05 42.64 -2.98
N LYS A 90 -41.48 43.15 -1.89
CA LYS A 90 -40.39 44.12 -1.94
C LYS A 90 -39.08 43.45 -1.54
N LEU A 91 -38.02 43.80 -2.26
CA LEU A 91 -36.66 43.52 -1.79
C LEU A 91 -36.14 44.66 -0.94
N ILE A 92 -36.40 45.90 -1.35
CA ILE A 92 -36.19 47.08 -0.54
C ILE A 92 -37.56 47.67 -0.22
N CYS A 93 -37.82 47.89 1.07
CA CYS A 93 -39.15 48.28 1.53
C CYS A 93 -39.02 49.35 2.59
N CYS A 94 -39.67 50.49 2.37
CA CYS A 94 -39.63 51.60 3.31
C CYS A 94 -40.85 51.57 4.22
N THR A 95 -40.71 52.15 5.42
CA THR A 95 -41.74 52.07 6.43
C THR A 95 -42.00 53.44 7.06
N ASN A 96 -42.81 53.47 8.13
CA ASN A 96 -43.07 54.69 8.88
C ASN A 96 -42.41 54.70 10.25
N VAL A 97 -41.96 53.55 10.75
CA VAL A 97 -41.30 53.46 12.04
C VAL A 97 -40.01 54.27 11.99
N PRO A 98 -39.89 55.34 12.76
CA PRO A 98 -38.67 56.14 12.74
C PRO A 98 -37.56 55.47 13.53
N TRP A 99 -36.32 55.78 13.16
CA TRP A 99 -35.18 55.11 13.75
C TRP A 99 -34.92 55.64 15.15
N ASN A 100 -35.05 54.77 16.13
CA ASN A 100 -34.70 55.11 17.51
C ASN A 100 -33.19 55.16 17.64
N SER A 101 -32.68 56.24 18.24
CA SER A 101 -31.24 56.35 18.47
C SER A 101 -30.73 55.33 19.48
N SER A 102 -31.63 54.75 20.28
CA SER A 102 -31.21 53.71 21.22
C SER A 102 -30.72 52.47 20.49
N TRP A 103 -31.30 52.17 19.33
CA TRP A 103 -30.87 51.00 18.56
C TRP A 103 -29.44 51.19 18.06
N SER A 104 -29.18 52.30 17.36
CA SER A 104 -27.83 52.63 16.91
C SER A 104 -27.75 54.12 16.68
N ASN A 105 -26.91 54.80 17.48
CA ASN A 105 -26.67 56.23 17.31
C ASN A 105 -25.58 56.53 16.29
N ARG A 106 -25.46 55.71 15.25
CA ARG A 106 -24.48 55.93 14.21
C ARG A 106 -25.08 56.79 13.10
N ASN A 107 -24.22 57.56 12.43
CA ASN A 107 -24.65 58.39 11.33
C ASN A 107 -24.91 57.54 10.09
N LEU A 108 -25.63 58.12 9.13
CA LEU A 108 -26.00 57.37 7.94
C LEU A 108 -24.78 57.01 7.10
N SER A 109 -23.82 57.93 6.99
CA SER A 109 -22.66 57.67 6.16
C SER A 109 -21.72 56.63 6.77
N GLU A 110 -21.63 56.60 8.10
CA GLU A 110 -20.79 55.61 8.78
C GLU A 110 -21.45 54.25 8.90
N ILE A 111 -22.60 54.06 8.26
CA ILE A 111 -23.28 52.77 8.21
C ILE A 111 -23.23 52.19 6.79
N TRP A 112 -23.83 52.88 5.82
CA TRP A 112 -23.93 52.35 4.47
C TRP A 112 -22.60 52.39 3.73
N ASP A 113 -21.65 53.22 4.17
CA ASP A 113 -20.35 53.34 3.53
C ASP A 113 -19.22 52.97 4.48
N ASN A 114 -19.46 52.03 5.39
CA ASN A 114 -18.44 51.65 6.35
C ASN A 114 -18.65 50.23 6.85
N MET A 115 -19.76 49.98 7.53
CA MET A 115 -20.01 48.66 8.09
C MET A 115 -20.54 47.71 7.03
N THR A 116 -20.34 46.41 7.27
CA THR A 116 -20.94 45.36 6.46
C THR A 116 -22.21 44.87 7.14
N TRP A 117 -23.06 44.21 6.34
CA TRP A 117 -24.31 43.68 6.89
C TRP A 117 -24.06 42.67 8.00
N LEU A 118 -22.94 41.95 7.94
CA LEU A 118 -22.57 41.04 9.03
C LEU A 118 -22.24 41.81 10.30
N GLN A 119 -21.62 43.00 10.16
CA GLN A 119 -21.37 43.82 11.33
C GLN A 119 -22.66 44.43 11.87
N TRP A 120 -23.52 44.91 10.97
CA TRP A 120 -24.76 45.55 11.40
C TRP A 120 -25.69 44.58 12.11
N ASP A 121 -25.58 43.29 11.80
CA ASP A 121 -26.44 42.31 12.44
C ASP A 121 -26.04 42.07 13.90
N LYS A 122 -24.76 42.27 14.22
CA LYS A 122 -24.33 42.13 15.61
C LYS A 122 -24.71 43.33 16.45
N GLU A 123 -24.67 44.54 15.87
CA GLU A 123 -24.99 45.76 16.60
C GLU A 123 -26.49 45.91 16.85
N ILE A 124 -27.34 45.27 16.05
CA ILE A 124 -28.78 45.38 16.16
C ILE A 124 -29.42 44.07 16.62
N SER A 125 -28.60 43.07 16.96
CA SER A 125 -29.13 41.76 17.35
C SER A 125 -30.13 41.88 18.49
N ASN A 126 -29.80 42.68 19.51
CA ASN A 126 -30.68 42.83 20.66
C ASN A 126 -32.02 43.43 20.24
N TYR A 127 -31.99 44.66 19.73
CA TYR A 127 -33.17 45.40 19.33
C TYR A 127 -33.82 44.88 18.06
N THR A 128 -33.42 43.71 17.54
CA THR A 128 -34.01 43.22 16.31
C THR A 128 -35.45 42.72 16.51
N GLN A 129 -35.82 42.33 17.73
CA GLN A 129 -37.20 41.95 18.00
C GLN A 129 -38.08 43.16 18.28
N ILE A 130 -37.51 44.22 18.83
CA ILE A 130 -38.28 45.44 19.08
C ILE A 130 -38.80 46.03 17.77
N ILE A 131 -37.95 46.04 16.74
CA ILE A 131 -38.36 46.64 15.47
C ILE A 131 -39.40 45.77 14.77
N TYR A 132 -39.31 44.44 14.91
CA TYR A 132 -40.23 43.56 14.21
C TYR A 132 -41.67 43.76 14.68
N GLY A 133 -41.85 44.23 15.91
CA GLY A 133 -43.18 44.50 16.43
C GLY A 133 -43.66 45.88 16.02
N LEU A 134 -42.72 46.83 15.94
CA LEU A 134 -43.06 48.18 15.48
C LEU A 134 -43.53 48.15 14.03
N LEU A 135 -42.93 47.28 13.21
CA LEU A 135 -43.38 47.15 11.83
C LEU A 135 -44.75 46.48 11.75
N GLU A 136 -45.08 45.62 12.71
CA GLU A 136 -46.31 44.84 12.62
C GLU A 136 -47.54 45.71 12.83
N GLU A 137 -47.51 46.62 13.80
CA GLU A 137 -48.65 47.48 14.06
C GLU A 137 -48.62 48.77 13.25
N SER A 138 -47.44 49.22 12.81
CA SER A 138 -47.39 50.31 11.85
C SER A 138 -48.03 49.92 10.52
N GLN A 139 -48.21 48.63 10.28
CA GLN A 139 -48.95 48.14 9.11
C GLN A 139 -50.43 47.98 9.42
N ASN A 140 -50.77 47.47 10.61
CA ASN A 140 -52.18 47.38 10.98
C ASN A 140 -52.78 48.76 11.24
N GLN A 141 -51.98 49.70 11.75
CA GLN A 141 -52.40 51.10 11.84
C GLN A 141 -52.06 51.86 10.56
N GLN A 142 -52.20 51.19 9.42
CA GLN A 142 -52.06 51.80 8.11
C GLN A 142 -53.17 51.29 7.21
N GLU A 143 -53.38 49.98 7.21
CA GLU A 143 -54.54 49.40 6.55
C GLU A 143 -55.84 49.71 7.29
N LYS A 144 -55.75 50.01 8.58
CA LYS A 144 -56.92 50.52 9.30
C LYS A 144 -57.20 51.96 8.90
N ASN A 145 -56.14 52.75 8.68
CA ASN A 145 -56.32 54.12 8.20
C ASN A 145 -56.80 54.14 6.75
N GLU A 146 -56.41 53.15 5.96
CA GLU A 146 -56.90 53.06 4.59
C GLU A 146 -58.32 52.54 4.50
N GLN A 147 -58.76 51.76 5.50
CA GLN A 147 -60.14 51.28 5.51
C GLN A 147 -61.12 52.42 5.77
N ASP A 148 -60.73 53.37 6.63
CA ASP A 148 -61.58 54.54 6.86
C ASP A 148 -61.52 55.51 5.69
N LEU A 149 -60.43 55.51 4.94
CA LEU A 149 -60.30 56.39 3.78
C LEU A 149 -61.28 55.99 2.68
N LEU A 150 -61.40 54.69 2.42
CA LEU A 150 -62.26 54.17 1.37
C LEU A 150 -63.69 53.94 1.85
N ALA A 151 -64.06 54.49 3.01
CA ALA A 151 -65.39 54.33 3.58
C ALA A 151 -66.31 55.50 3.24
N LEU A 152 -66.02 56.22 2.16
CA LEU A 152 -66.80 57.41 1.79
C LEU A 152 -66.65 57.73 0.31
N GLN B 1 -11.46 52.62 15.26
CA GLN B 1 -11.74 52.44 16.67
C GLN B 1 -10.60 51.67 17.34
N GLY B 2 -9.42 51.74 16.75
CA GLY B 2 -8.25 51.06 17.28
C GLY B 2 -7.03 51.97 17.25
N GLN B 3 -5.93 51.45 17.77
CA GLN B 3 -4.70 52.23 17.89
C GLN B 3 -3.89 52.16 16.59
N LEU B 4 -2.97 53.12 16.45
CA LEU B 4 -2.03 53.18 15.33
C LEU B 4 -0.66 53.61 15.88
N VAL B 5 -0.05 52.74 16.68
CA VAL B 5 1.23 53.06 17.30
C VAL B 5 2.32 53.13 16.23
N GLN B 6 3.30 53.99 16.48
CA GLN B 6 4.39 54.24 15.54
C GLN B 6 5.72 53.87 16.19
N SER B 7 6.81 54.24 15.52
CA SER B 7 8.15 53.98 16.02
C SER B 7 8.55 55.07 17.02
N GLY B 8 9.83 55.11 17.37
CA GLY B 8 10.34 56.08 18.30
C GLY B 8 10.69 57.40 17.62
N ALA B 9 11.56 58.16 18.27
CA ALA B 9 12.02 59.46 17.78
C ALA B 9 13.48 59.31 17.38
N THR B 10 13.71 58.92 16.13
CA THR B 10 15.05 58.72 15.58
C THR B 10 15.49 59.98 14.84
N THR B 11 16.71 60.44 15.14
CA THR B 11 17.26 61.65 14.55
C THR B 11 18.57 61.30 13.86
N THR B 12 18.57 61.32 12.53
CA THR B 12 19.77 61.15 11.75
C THR B 12 20.24 62.50 11.21
N LYS B 13 21.07 62.50 10.19
CA LYS B 13 21.66 63.71 9.63
C LYS B 13 21.38 63.76 8.13
N PRO B 14 21.44 64.96 7.52
CA PRO B 14 21.10 65.10 6.08
C PRO B 14 21.81 64.12 5.16
N GLY B 15 21.21 63.88 3.99
CA GLY B 15 21.70 62.92 3.04
C GLY B 15 21.27 61.49 3.29
N SER B 16 20.85 61.16 4.51
CA SER B 16 20.52 59.81 4.88
C SER B 16 19.03 59.54 4.63
N SER B 17 18.54 58.39 5.10
CA SER B 17 17.15 58.01 4.99
C SER B 17 16.69 57.46 6.33
N VAL B 18 15.39 57.60 6.61
CA VAL B 18 14.80 57.19 7.87
C VAL B 18 13.56 56.35 7.59
N LYS B 19 13.40 55.26 8.34
CA LYS B 19 12.25 54.38 8.22
C LYS B 19 11.35 54.54 9.44
N ILE B 20 10.06 54.74 9.19
CA ILE B 20 9.08 54.95 10.25
C ILE B 20 7.99 53.89 10.11
N SER B 21 7.65 53.25 11.23
CA SER B 21 6.65 52.18 11.25
C SER B 21 5.30 52.71 11.72
N CYS B 22 4.26 51.95 11.40
CA CYS B 22 2.88 52.31 11.79
C CYS B 22 2.12 51.00 11.98
N LYS B 23 2.01 50.55 13.23
CA LYS B 23 1.39 49.27 13.56
C LYS B 23 -0.05 49.49 13.97
N THR B 24 -0.97 48.82 13.29
CA THR B 24 -2.41 49.01 13.49
C THR B 24 -2.98 47.86 14.31
N SER B 25 -4.16 48.11 14.88
CA SER B 25 -4.89 47.11 15.65
C SER B 25 -6.31 47.62 15.88
N GLY B 26 -7.21 46.70 16.19
CA GLY B 26 -8.59 47.06 16.50
C GLY B 26 -9.49 47.27 15.31
N TYR B 27 -8.98 47.15 14.08
CA TYR B 27 -9.81 47.33 12.90
C TYR B 27 -9.20 46.53 11.74
N ARG B 28 -10.05 46.21 10.76
CA ARG B 28 -9.60 45.52 9.55
C ARG B 28 -8.66 46.44 8.79
N PHE B 29 -7.35 46.13 8.88
CA PHE B 29 -6.33 47.02 8.33
C PHE B 29 -6.48 47.20 6.83
N ASN B 30 -7.04 46.23 6.12
CA ASN B 30 -7.19 46.33 4.68
C ASN B 30 -8.35 47.22 4.26
N PHE B 31 -9.26 47.56 5.17
CA PHE B 31 -10.49 48.24 4.78
C PHE B 31 -10.35 49.75 4.66
N TYR B 32 -9.20 50.33 5.02
CA TYR B 32 -9.04 51.77 5.01
C TYR B 32 -7.64 52.14 4.56
N HIS B 33 -7.52 53.29 3.92
CA HIS B 33 -6.24 53.79 3.46
C HIS B 33 -5.35 54.15 4.65
N ILE B 34 -4.08 54.45 4.35
CA ILE B 34 -3.12 54.88 5.35
C ILE B 34 -2.48 56.16 4.83
N ASN B 35 -2.88 57.30 5.39
CA ASN B 35 -2.31 58.58 5.02
C ASN B 35 -1.07 58.88 5.85
N TRP B 36 -0.19 59.71 5.29
CA TRP B 36 1.03 60.16 5.97
C TRP B 36 1.04 61.67 6.00
N ILE B 37 1.07 62.24 7.21
CA ILE B 37 1.03 63.69 7.40
C ILE B 37 2.17 64.10 8.30
N ARG B 38 2.66 65.33 8.11
CA ARG B 38 3.76 65.85 8.88
C ARG B 38 3.54 67.34 9.14
N GLN B 39 4.06 67.81 10.27
CA GLN B 39 4.00 69.23 10.65
C GLN B 39 5.42 69.66 11.00
N THR B 40 6.04 70.41 10.09
CA THR B 40 7.44 70.78 10.21
C THR B 40 7.61 72.17 10.81
N ALA B 41 8.81 72.42 11.32
CA ALA B 41 9.18 73.74 11.86
C ALA B 41 9.68 74.59 10.71
N GLY B 42 8.76 75.30 10.06
CA GLY B 42 9.08 76.10 8.89
C GLY B 42 7.82 76.35 8.08
N ARG B 43 6.94 75.35 8.05
CA ARG B 43 5.61 75.49 7.46
C ARG B 43 4.56 75.12 8.50
N GLY B 44 3.46 74.54 8.04
CA GLY B 44 2.46 74.00 8.93
C GLY B 44 2.30 72.52 8.69
N PRO B 45 1.06 72.05 8.59
CA PRO B 45 0.82 70.67 8.17
C PRO B 45 0.92 70.52 6.66
N GLU B 46 1.37 69.34 6.24
CA GLU B 46 1.53 69.04 4.81
C GLU B 46 1.15 67.59 4.57
N TRP B 47 0.14 67.39 3.72
CA TRP B 47 -0.27 66.04 3.35
C TRP B 47 0.74 65.43 2.39
N MET B 48 1.24 64.25 2.74
CA MET B 48 2.28 63.60 1.95
C MET B 48 1.69 62.61 0.95
N GLY B 49 0.80 61.74 1.40
CA GLY B 49 0.18 60.77 0.52
C GLY B 49 -0.42 59.62 1.30
N TRP B 50 -1.31 58.89 0.64
CA TRP B 50 -1.92 57.71 1.22
C TRP B 50 -1.67 56.49 0.34
N ILE B 51 -1.82 55.31 0.95
CA ILE B 51 -1.66 54.04 0.26
C ILE B 51 -2.77 53.11 0.71
N SER B 52 -3.28 52.30 -0.21
CA SER B 52 -4.39 51.40 0.07
C SER B 52 -3.85 50.03 0.45
N PRO B 53 -4.01 49.59 1.71
CA PRO B 53 -3.56 48.24 2.07
C PRO B 53 -4.30 47.13 1.34
N TYR B 54 -5.41 47.44 0.67
CA TYR B 54 -6.18 46.45 -0.08
C TYR B 54 -5.79 46.45 -1.56
N SER B 55 -5.93 47.60 -2.23
CA SER B 55 -5.59 47.73 -3.64
C SER B 55 -4.09 47.86 -3.86
N GLY B 56 -3.30 48.02 -2.81
CA GLY B 56 -1.87 48.30 -2.98
C GLY B 56 -1.60 49.59 -3.72
N ASP B 57 -2.57 50.49 -3.76
CA ASP B 57 -2.51 51.68 -4.60
C ASP B 57 -1.92 52.85 -3.84
N LYS B 58 -1.04 53.60 -4.50
CA LYS B 58 -0.36 54.74 -3.92
C LYS B 58 -0.79 56.03 -4.61
N ASN B 59 -1.05 57.06 -3.82
CA ASN B 59 -1.32 58.40 -4.34
C ASN B 59 -0.67 59.39 -3.39
N LEU B 60 0.26 60.20 -3.92
CA LEU B 60 1.08 61.07 -3.10
C LEU B 60 1.28 62.40 -3.82
N ALA B 61 1.48 63.45 -3.02
CA ALA B 61 1.61 64.79 -3.57
C ALA B 61 2.87 64.91 -4.42
N PRO B 62 2.84 65.74 -5.46
CA PRO B 62 4.03 65.91 -6.31
C PRO B 62 5.24 66.46 -5.57
N ALA B 63 5.04 67.12 -4.42
CA ALA B 63 6.16 67.62 -3.64
C ALA B 63 6.92 66.53 -2.92
N PHE B 64 6.36 65.31 -2.84
CA PHE B 64 7.00 64.20 -2.15
C PHE B 64 7.03 62.92 -3.00
N GLN B 65 6.75 63.01 -4.30
CA GLN B 65 6.63 61.81 -5.12
C GLN B 65 7.98 61.14 -5.32
N ASP B 66 9.04 61.93 -5.53
CA ASP B 66 10.36 61.40 -5.80
C ASP B 66 11.23 61.29 -4.55
N ARG B 67 10.62 61.39 -3.37
CA ARG B 67 11.34 61.25 -2.11
C ARG B 67 10.84 60.11 -1.23
N VAL B 68 9.55 59.78 -1.30
CA VAL B 68 8.90 58.94 -0.30
C VAL B 68 8.89 57.49 -0.77
N ASN B 69 9.30 56.59 0.12
CA ASN B 69 9.12 55.15 -0.04
C ASN B 69 8.03 54.71 0.91
N MET B 70 6.91 54.24 0.36
CA MET B 70 5.70 53.97 1.12
C MET B 70 5.25 52.54 0.84
N THR B 71 5.17 51.72 1.90
CA THR B 71 4.82 50.32 1.75
C THR B 71 3.91 49.88 2.90
N THR B 72 3.27 48.74 2.70
CA THR B 72 2.42 48.12 3.71
C THR B 72 2.65 46.61 3.70
N ASP B 73 2.35 45.98 4.83
CA ASP B 73 2.43 44.53 4.94
C ASP B 73 1.12 43.89 4.51
N THR B 74 0.75 42.79 5.16
CA THR B 74 -0.55 42.16 4.97
C THR B 74 -1.10 41.79 6.34
N GLU B 75 -2.39 42.06 6.54
CA GLU B 75 -2.96 41.97 7.88
C GLU B 75 -2.96 40.54 8.38
N VAL B 76 -2.64 40.38 9.67
CA VAL B 76 -2.75 39.10 10.36
C VAL B 76 -4.10 39.06 11.04
N PRO B 77 -5.10 38.39 10.47
CA PRO B 77 -6.47 38.51 10.98
C PRO B 77 -6.61 37.97 12.39
N VAL B 78 -7.17 38.81 13.27
CA VAL B 78 -7.40 38.43 14.66
C VAL B 78 -8.78 37.79 14.78
N THR B 79 -9.81 38.54 14.42
CA THR B 79 -11.18 38.01 14.40
C THR B 79 -11.78 38.26 13.03
N SER B 80 -13.11 38.18 12.95
CA SER B 80 -13.80 38.39 11.67
C SER B 80 -13.67 39.82 11.20
N PHE B 81 -13.51 40.77 12.13
CA PHE B 81 -13.44 42.18 11.79
C PHE B 81 -12.23 42.87 12.40
N THR B 82 -11.33 42.13 13.05
CA THR B 82 -10.11 42.66 13.60
C THR B 82 -8.91 42.06 12.88
N SER B 83 -7.82 42.83 12.80
CA SER B 83 -6.58 42.35 12.21
C SER B 83 -5.44 43.17 12.78
N THR B 84 -4.23 42.91 12.30
CA THR B 84 -3.04 43.65 12.70
C THR B 84 -2.20 43.89 11.46
N GLY B 85 -2.15 45.15 11.02
CA GLY B 85 -1.38 45.53 9.86
C GLY B 85 -0.21 46.45 10.21
N ALA B 86 0.52 46.85 9.17
CA ALA B 86 1.68 47.71 9.35
C ALA B 86 1.95 48.48 8.07
N ALA B 87 2.17 49.79 8.21
CA ALA B 87 2.56 50.65 7.10
C ALA B 87 3.93 51.25 7.40
N TYR B 88 4.73 51.45 6.35
CA TYR B 88 6.10 51.89 6.49
C TYR B 88 6.33 53.16 5.68
N MET B 89 7.24 54.00 6.16
CA MET B 89 7.50 55.31 5.57
C MET B 89 9.00 55.53 5.50
N GLU B 90 9.50 55.87 4.31
CA GLU B 90 10.89 56.24 4.12
C GLU B 90 10.97 57.46 3.23
N ILE B 91 12.08 58.18 3.33
CA ILE B 91 12.32 59.38 2.53
C ILE B 91 13.72 59.29 1.93
N ARG B 92 13.92 60.02 0.83
CA ARG B 92 15.17 59.96 0.09
C ARG B 92 16.12 61.08 0.48
N ASN B 93 16.15 62.16 -0.31
CA ASN B 93 17.05 63.28 -0.06
C ASN B 93 16.58 64.01 1.20
N LEU B 94 17.26 63.77 2.32
CA LEU B 94 16.88 64.32 3.61
C LEU B 94 17.70 65.59 3.88
N THR B 95 17.04 66.58 4.48
CA THR B 95 17.67 67.83 4.91
C THR B 95 17.19 68.15 6.32
N SER B 96 17.64 69.30 6.83
CA SER B 96 17.12 69.81 8.09
C SER B 96 15.77 70.50 7.92
N ASP B 97 15.36 70.79 6.68
CA ASP B 97 14.03 71.36 6.45
C ASP B 97 12.93 70.34 6.73
N ASP B 98 13.21 69.06 6.52
CA ASP B 98 12.25 68.00 6.76
C ASP B 98 12.14 67.60 8.23
N THR B 99 12.74 68.36 9.14
CA THR B 99 12.63 68.08 10.56
C THR B 99 11.23 68.43 11.05
N GLY B 100 10.54 67.43 11.61
CA GLY B 100 9.20 67.67 12.11
C GLY B 100 8.60 66.39 12.66
N THR B 101 7.37 66.51 13.14
CA THR B 101 6.63 65.39 13.69
C THR B 101 5.82 64.70 12.59
N TYR B 102 5.90 63.37 12.55
CA TYR B 102 5.25 62.57 11.52
C TYR B 102 4.27 61.60 12.16
N PHE B 103 3.11 61.43 11.52
CA PHE B 103 2.14 60.43 11.97
C PHE B 103 1.49 59.79 10.75
N CYS B 104 0.99 58.58 10.95
CA CYS B 104 0.15 57.89 9.99
C CYS B 104 -1.32 58.10 10.34
N ALA B 105 -2.17 57.99 9.33
CA ALA B 105 -3.59 58.28 9.51
C ALA B 105 -4.42 57.29 8.71
N LYS B 106 -5.21 56.48 9.42
CA LYS B 106 -6.14 55.58 8.75
C LYS B 106 -7.30 56.36 8.14
N GLY B 107 -7.77 55.90 6.99
CA GLY B 107 -8.84 56.58 6.28
C GLY B 107 -10.13 56.63 7.08
N LEU B 108 -11.08 57.41 6.56
CA LEU B 108 -12.34 57.65 7.24
C LEU B 108 -13.39 56.58 6.95
N LEU B 109 -13.65 56.31 5.67
CA LEU B 109 -14.73 55.42 5.27
C LEU B 109 -14.19 54.37 4.30
N ARG B 110 -15.09 53.52 3.83
CA ARG B 110 -14.79 52.50 2.84
C ARG B 110 -15.44 52.77 1.49
N ASP B 111 -16.17 53.87 1.36
CA ASP B 111 -16.84 54.23 0.11
C ASP B 111 -17.29 55.68 0.22
N GLY B 112 -17.64 56.25 -0.92
CA GLY B 112 -18.16 57.61 -0.95
C GLY B 112 -17.20 58.64 -1.50
N SER B 113 -17.30 59.88 -1.01
CA SER B 113 -16.45 60.97 -1.45
C SER B 113 -15.41 61.38 -0.41
N SER B 114 -15.45 60.80 0.78
CA SER B 114 -14.46 61.03 1.82
C SER B 114 -13.92 59.70 2.33
N THR B 115 -13.49 58.85 1.39
CA THR B 115 -13.09 57.49 1.71
C THR B 115 -11.72 57.45 2.38
N TRP B 116 -10.78 58.25 1.88
CA TRP B 116 -9.39 58.19 2.32
C TRP B 116 -9.07 59.21 3.41
N LEU B 117 -10.03 60.07 3.77
CA LEU B 117 -9.74 61.24 4.60
C LEU B 117 -9.04 60.84 5.89
N PRO B 118 -7.87 61.43 6.20
CA PRO B 118 -7.14 61.06 7.42
C PRO B 118 -7.97 61.24 8.69
N TYR B 119 -8.51 60.14 9.20
CA TYR B 119 -9.43 60.18 10.34
C TYR B 119 -8.76 59.74 11.63
N LEU B 120 -8.25 58.51 11.68
CA LEU B 120 -7.63 57.98 12.88
C LEU B 120 -6.11 58.12 12.76
N TRP B 121 -5.52 58.94 13.63
CA TRP B 121 -4.11 59.29 13.55
C TRP B 121 -3.28 58.46 14.53
N GLY B 122 -1.97 58.49 14.32
CA GLY B 122 -1.04 57.78 15.19
C GLY B 122 -0.71 58.55 16.44
N GLN B 123 0.58 58.61 16.78
CA GLN B 123 1.05 59.30 17.98
C GLN B 123 2.08 60.38 17.72
N GLY B 124 2.86 60.26 16.65
CA GLY B 124 3.87 61.26 16.34
C GLY B 124 5.27 60.72 16.53
N THR B 125 6.17 61.06 15.61
CA THR B 125 7.57 60.70 15.70
C THR B 125 8.41 61.90 15.34
N LEU B 126 9.40 62.20 16.17
CA LEU B 126 10.25 63.37 15.99
C LEU B 126 11.45 63.02 15.12
N LEU B 127 11.56 63.67 13.97
CA LEU B 127 12.65 63.41 13.04
C LEU B 127 13.90 64.20 13.44
N THR B 128 14.87 64.31 12.52
CA THR B 128 16.14 64.97 12.77
C THR B 128 15.98 66.38 13.37
N SER C 1 6.35 78.64 4.91
CA SER C 1 4.92 78.51 4.63
C SER C 1 4.62 78.81 3.16
N GLN C 2 3.59 78.15 2.64
CA GLN C 2 3.20 78.33 1.25
C GLN C 2 1.81 77.78 1.03
N SER C 3 0.96 77.85 2.06
CA SER C 3 -0.40 77.35 1.97
C SER C 3 -1.25 78.29 1.14
N VAL C 4 -1.65 77.85 -0.05
CA VAL C 4 -2.53 78.67 -0.90
C VAL C 4 -3.95 78.75 -0.38
N LEU C 5 -4.27 78.06 0.71
CA LEU C 5 -5.60 78.10 1.33
C LEU C 5 -5.47 78.80 2.67
N THR C 6 -5.79 80.09 2.69
CA THR C 6 -5.64 80.91 3.89
C THR C 6 -6.85 80.74 4.81
N GLN C 7 -6.64 81.05 6.07
CA GLN C 7 -7.65 80.91 7.12
C GLN C 7 -7.97 82.30 7.68
N SER C 8 -8.09 82.49 9.00
CA SER C 8 -8.44 83.75 9.64
C SER C 8 -7.38 84.21 10.63
N ALA C 9 -6.12 83.88 10.34
CA ALA C 9 -4.98 84.25 11.16
C ALA C 9 -5.16 83.79 12.60
N SER C 10 -5.90 84.55 13.39
CA SER C 10 -6.21 84.20 14.77
C SER C 10 -7.51 84.87 15.16
N VAL C 11 -8.05 84.43 16.30
CA VAL C 11 -9.32 84.95 16.79
C VAL C 11 -9.43 84.61 18.28
N SER C 12 -10.31 85.30 18.99
CA SER C 12 -10.50 85.10 20.41
C SER C 12 -11.99 84.96 20.72
N GLY C 13 -12.28 84.48 21.92
CA GLY C 13 -13.65 84.31 22.35
C GLY C 13 -13.72 84.25 23.87
N SER C 14 -14.94 84.07 24.37
CA SER C 14 -15.20 83.98 25.80
C SER C 14 -16.15 82.83 26.06
N LEU C 15 -16.14 82.34 27.30
CA LEU C 15 -16.95 81.19 27.67
C LEU C 15 -18.43 81.47 27.47
N GLY C 16 -19.13 80.53 26.83
CA GLY C 16 -20.53 80.67 26.54
C GLY C 16 -20.84 81.31 25.20
N GLN C 17 -19.84 81.89 24.53
CA GLN C 17 -20.03 82.54 23.25
C GLN C 17 -19.61 81.62 22.10
N SER C 18 -19.76 82.11 20.87
CA SER C 18 -19.46 81.33 19.68
C SER C 18 -18.47 82.09 18.81
N VAL C 19 -17.55 81.35 18.20
CA VAL C 19 -16.54 81.95 17.32
C VAL C 19 -16.84 81.55 15.88
N THR C 20 -15.92 81.89 14.97
CA THR C 20 -16.05 81.52 13.57
C THR C 20 -14.67 81.63 12.93
N ILE C 21 -14.25 80.57 12.25
CA ILE C 21 -12.96 80.51 11.58
C ILE C 21 -13.20 80.44 10.08
N SER C 22 -12.58 81.35 9.33
CA SER C 22 -12.71 81.37 7.89
C SER C 22 -11.69 80.43 7.25
N CYS C 23 -11.91 80.16 5.97
CA CYS C 23 -11.03 79.30 5.17
C CYS C 23 -11.35 79.48 3.69
N THR C 24 -10.48 80.16 2.96
CA THR C 24 -10.74 80.44 1.55
C THR C 24 -9.43 80.43 0.78
N GLY C 25 -9.55 80.44 -0.54
CA GLY C 25 -8.42 80.45 -1.42
C GLY C 25 -8.84 80.74 -2.86
N PRO C 26 -7.92 80.56 -3.79
CA PRO C 26 -8.25 80.77 -5.21
C PRO C 26 -9.18 79.69 -5.72
N ASN C 27 -9.53 79.82 -7.00
CA ASN C 27 -10.50 78.91 -7.61
C ASN C 27 -9.83 77.57 -7.85
N SER C 28 -8.55 77.47 -7.49
CA SER C 28 -7.80 76.24 -7.70
C SER C 28 -7.91 75.27 -6.54
N VAL C 29 -8.50 75.66 -5.41
CA VAL C 29 -8.57 74.80 -4.23
C VAL C 29 -9.83 75.12 -3.41
N CYS C 30 -10.79 75.81 -4.02
CA CYS C 30 -11.94 76.32 -3.29
C CYS C 30 -12.93 76.92 -4.27
N CYS C 31 -14.22 76.73 -4.03
CA CYS C 31 -14.76 75.97 -2.90
C CYS C 31 -15.90 75.04 -3.32
N SER C 32 -16.77 75.54 -4.18
CA SER C 32 -17.97 74.81 -4.59
C SER C 32 -17.67 73.51 -5.33
N HIS C 33 -16.41 73.26 -5.68
CA HIS C 33 -15.98 72.04 -6.34
C HIS C 33 -14.95 71.31 -5.49
N LYS C 34 -15.12 71.34 -4.17
CA LYS C 34 -14.21 70.70 -3.24
C LYS C 34 -14.89 70.56 -1.89
N SER C 35 -14.57 69.46 -1.20
CA SER C 35 -15.06 69.22 0.14
C SER C 35 -14.07 69.79 1.15
N ILE C 36 -14.60 70.42 2.20
CA ILE C 36 -13.79 71.07 3.22
C ILE C 36 -13.85 70.25 4.49
N SER C 37 -12.68 69.92 5.03
CA SER C 37 -12.57 69.25 6.31
C SER C 37 -11.95 70.20 7.33
N TRP C 38 -12.19 69.93 8.61
CA TRP C 38 -11.71 70.76 9.70
C TRP C 38 -11.08 69.89 10.76
N TYR C 39 -9.85 70.22 11.15
CA TYR C 39 -9.08 69.44 12.12
C TYR C 39 -8.69 70.32 13.29
N GLN C 40 -9.14 69.93 14.49
CA GLN C 40 -8.54 70.46 15.71
C GLN C 40 -7.16 69.86 15.90
N TRP C 41 -6.15 70.71 16.06
CA TRP C 41 -4.77 70.25 16.07
C TRP C 41 -3.99 70.92 17.20
N PRO C 42 -3.88 70.26 18.35
CA PRO C 42 -2.97 70.72 19.40
C PRO C 42 -1.54 70.78 18.88
N PRO C 43 -0.66 71.57 19.50
CA PRO C 43 0.67 71.80 18.92
C PRO C 43 1.48 70.54 18.70
N GLY C 44 1.53 70.09 17.45
CA GLY C 44 2.37 68.96 17.07
C GLY C 44 2.03 67.66 17.77
N ARG C 45 0.76 67.45 18.13
CA ARG C 45 0.37 66.23 18.82
C ARG C 45 -0.68 65.45 18.06
N ALA C 46 -1.66 64.90 18.77
CA ALA C 46 -2.70 64.08 18.15
C ALA C 46 -3.81 64.98 17.65
N PRO C 47 -4.05 65.06 16.33
CA PRO C 47 -5.15 65.90 15.84
C PRO C 47 -6.51 65.25 16.08
N THR C 48 -7.55 65.80 15.46
CA THR C 48 -8.90 65.25 15.60
C THR C 48 -9.75 65.76 14.45
N LEU C 49 -10.36 64.86 13.70
CA LEU C 49 -11.31 65.26 12.67
C LEU C 49 -12.58 65.78 13.33
N ILE C 50 -13.01 66.97 12.92
CA ILE C 50 -14.21 67.59 13.45
C ILE C 50 -15.36 67.55 12.45
N ILE C 51 -15.10 67.97 11.21
CA ILE C 51 -16.13 68.06 10.18
C ILE C 51 -15.52 67.66 8.84
N TYR C 52 -16.21 66.82 8.10
CA TYR C 52 -15.86 66.49 6.73
C TYR C 52 -17.03 66.83 5.81
N GLU C 53 -16.72 66.97 4.53
CA GLU C 53 -17.70 67.33 3.50
C GLU C 53 -18.51 68.56 3.92
N ASP C 54 -17.80 69.68 4.06
CA ASP C 54 -18.40 70.97 4.36
C ASP C 54 -19.05 71.02 5.74
N ASN C 55 -20.09 70.20 5.96
CA ASN C 55 -20.92 70.38 7.15
C ASN C 55 -21.33 69.06 7.79
N GLU C 56 -20.54 68.00 7.60
CA GLU C 56 -20.82 66.70 8.19
C GLU C 56 -19.80 66.42 9.28
N ARG C 57 -20.28 66.24 10.51
CA ARG C 57 -19.41 66.02 11.66
C ARG C 57 -18.89 64.59 11.67
N ALA C 58 -17.72 64.42 12.29
CA ALA C 58 -17.14 63.10 12.52
C ALA C 58 -17.94 62.40 13.62
N PRO C 59 -17.75 61.09 13.81
CA PRO C 59 -18.48 60.38 14.87
C PRO C 59 -18.22 60.98 16.24
N GLY C 60 -19.31 61.16 17.00
CA GLY C 60 -19.23 61.63 18.37
C GLY C 60 -18.86 63.08 18.55
N ILE C 61 -18.70 63.84 17.46
CA ILE C 61 -18.36 65.26 17.58
C ILE C 61 -19.51 66.01 18.22
N SER C 62 -19.17 66.91 19.14
CA SER C 62 -20.17 67.70 19.84
C SER C 62 -21.01 68.50 18.83
N PRO C 63 -22.32 68.64 19.08
CA PRO C 63 -23.17 69.44 18.19
C PRO C 63 -22.80 70.93 18.17
N ARG C 64 -21.84 71.37 18.97
CA ARG C 64 -21.41 72.77 18.95
C ARG C 64 -20.81 73.13 17.59
N PHE C 65 -19.93 72.27 17.07
CA PHE C 65 -19.21 72.58 15.85
C PHE C 65 -20.14 72.52 14.64
N SER C 66 -20.09 73.55 13.80
CA SER C 66 -20.93 73.64 12.63
C SER C 66 -20.08 74.09 11.44
N GLY C 67 -20.47 73.65 10.25
CA GLY C 67 -19.76 74.02 9.04
C GLY C 67 -20.70 74.60 8.00
N TYR C 68 -20.18 75.57 7.25
CA TYR C 68 -20.91 76.18 6.15
C TYR C 68 -19.92 76.50 5.04
N LYS C 69 -20.35 76.34 3.80
CA LYS C 69 -19.50 76.62 2.65
C LYS C 69 -20.32 77.40 1.62
N SER C 70 -20.05 78.68 1.49
CA SER C 70 -20.61 79.47 0.40
C SER C 70 -19.81 79.20 -0.86
N TYR C 71 -20.07 79.97 -1.92
CA TYR C 71 -19.41 79.72 -3.19
C TYR C 71 -17.95 80.17 -3.21
N TRP C 72 -17.46 80.80 -2.14
CA TRP C 72 -16.09 81.29 -2.13
C TRP C 72 -15.33 81.08 -0.82
N SER C 73 -15.99 80.64 0.25
CA SER C 73 -15.30 80.47 1.53
C SER C 73 -16.09 79.52 2.41
N ALA C 74 -15.37 78.76 3.23
CA ALA C 74 -15.96 77.83 4.17
C ALA C 74 -15.69 78.31 5.60
N TYR C 75 -16.69 78.14 6.46
CA TYR C 75 -16.63 78.64 7.83
C TYR C 75 -16.82 77.49 8.82
N LEU C 76 -16.11 77.56 9.94
CA LEU C 76 -16.25 76.61 11.04
C LEU C 76 -16.62 77.38 12.29
N THR C 77 -17.88 77.25 12.73
CA THR C 77 -18.34 77.92 13.93
C THR C 77 -18.20 76.99 15.13
N ILE C 78 -17.79 77.56 16.26
CA ILE C 78 -17.61 76.79 17.49
C ILE C 78 -18.60 77.32 18.53
N SER C 79 -19.85 76.90 18.42
CA SER C 79 -20.89 77.39 19.31
C SER C 79 -20.62 76.96 20.75
N ASP C 80 -21.07 77.80 21.68
CA ASP C 80 -20.94 77.56 23.12
C ASP C 80 -19.50 77.19 23.49
N LEU C 81 -18.64 78.20 23.66
CA LEU C 81 -17.23 77.95 23.92
C LEU C 81 -17.05 77.29 25.27
N ARG C 82 -16.57 76.05 25.27
CA ARG C 82 -16.15 75.36 26.47
C ARG C 82 -14.67 75.57 26.70
N PRO C 83 -14.19 75.46 27.94
CA PRO C 83 -12.79 75.81 28.23
C PRO C 83 -11.77 74.97 27.48
N GLU C 84 -12.06 73.70 27.21
CA GLU C 84 -11.10 72.82 26.53
C GLU C 84 -11.04 73.05 25.03
N ASP C 85 -11.10 74.31 24.57
CA ASP C 85 -11.12 74.63 23.16
C ASP C 85 -9.89 75.37 22.66
N GLU C 86 -8.98 75.75 23.54
CA GLU C 86 -7.79 76.48 23.11
C GLU C 86 -6.86 75.55 22.36
N THR C 87 -6.77 75.75 21.05
CA THR C 87 -5.91 74.96 20.17
C THR C 87 -5.82 75.68 18.83
N THR C 88 -5.28 74.99 17.82
CA THR C 88 -5.16 75.51 16.47
C THR C 88 -6.02 74.67 15.53
N TYR C 89 -6.73 75.33 14.63
CA TYR C 89 -7.66 74.68 13.72
C TYR C 89 -7.18 74.85 12.29
N TYR C 90 -7.07 73.72 11.57
CA TYR C 90 -6.67 73.72 10.17
C TYR C 90 -7.79 73.16 9.32
N CYS C 91 -7.98 73.76 8.14
CA CYS C 91 -8.92 73.25 7.15
C CYS C 91 -8.18 72.54 6.02
N CYS C 92 -8.93 71.78 5.23
CA CYS C 92 -8.36 71.03 4.12
C CYS C 92 -9.40 70.88 3.03
N SER C 93 -8.99 71.11 1.78
CA SER C 93 -9.85 70.92 0.62
C SER C 93 -9.45 69.62 -0.09
N TYR C 94 -10.44 68.90 -0.58
CA TYR C 94 -10.19 67.60 -1.20
C TYR C 94 -11.38 67.20 -2.06
N THR C 95 -11.13 66.22 -2.92
CA THR C 95 -12.19 65.53 -3.64
C THR C 95 -12.18 64.06 -3.27
N HIS C 96 -12.79 63.21 -4.10
CA HIS C 96 -12.86 61.79 -3.78
C HIS C 96 -11.57 61.05 -4.08
N ASN C 97 -10.72 61.57 -4.96
CA ASN C 97 -9.48 60.91 -5.37
C ASN C 97 -8.29 61.86 -5.30
N SER C 98 -8.26 62.71 -4.28
CA SER C 98 -7.17 63.68 -4.15
C SER C 98 -6.48 63.57 -2.80
N GLY C 99 -5.84 64.66 -2.37
CA GLY C 99 -5.23 64.74 -1.06
C GLY C 99 -5.79 65.92 -0.28
N CYS C 100 -5.28 66.07 0.93
CA CYS C 100 -5.71 67.16 1.81
C CYS C 100 -4.84 68.38 1.55
N VAL C 101 -5.45 69.44 1.01
CA VAL C 101 -4.75 70.71 0.81
C VAL C 101 -5.02 71.53 2.07
N PHE C 102 -4.10 71.43 3.02
CA PHE C 102 -4.32 72.00 4.34
C PHE C 102 -4.27 73.53 4.30
N GLY C 103 -4.72 74.14 5.39
CA GLY C 103 -4.74 75.58 5.52
C GLY C 103 -3.61 76.12 6.39
N THR C 104 -3.65 77.44 6.60
CA THR C 104 -2.58 78.11 7.33
C THR C 104 -2.67 77.85 8.83
N GLY C 105 -3.88 77.88 9.39
CA GLY C 105 -4.06 77.66 10.81
C GLY C 105 -4.67 78.85 11.52
N THR C 106 -5.35 78.60 12.63
CA THR C 106 -6.01 79.67 13.37
C THR C 106 -6.02 79.29 14.85
N LYS C 107 -5.22 79.99 15.65
CA LYS C 107 -5.21 79.78 17.09
C LYS C 107 -6.44 80.46 17.70
N VAL C 108 -7.14 79.73 18.57
CA VAL C 108 -8.38 80.22 19.18
C VAL C 108 -8.20 80.16 20.69
N SER C 109 -8.26 81.33 21.33
CA SER C 109 -8.12 81.44 22.77
C SER C 109 -9.49 81.65 23.42
N VAL C 110 -9.68 81.05 24.60
CA VAL C 110 -10.95 81.06 25.30
C VAL C 110 -10.87 81.80 26.63
N LEU C 111 -9.79 82.55 26.85
CA LEU C 111 -9.55 83.24 28.12
C LEU C 111 -10.76 84.07 28.53
N GLY C 112 -11.30 83.77 29.71
CA GLY C 112 -12.45 84.49 30.23
C GLY C 112 -12.59 84.39 31.74
N GLU D 2 -31.37 62.27 12.33
CA GLU D 2 -32.18 63.11 11.46
C GLU D 2 -33.49 62.42 11.10
N ASN D 3 -34.05 62.78 9.94
CA ASN D 3 -35.25 62.12 9.43
C ASN D 3 -34.87 60.71 8.98
N LEU D 4 -34.74 59.82 9.95
CA LEU D 4 -34.32 58.44 9.70
C LEU D 4 -35.42 57.49 10.15
N TRP D 5 -35.98 56.75 9.21
CA TRP D 5 -36.91 55.67 9.48
C TRP D 5 -36.22 54.34 9.23
N VAL D 6 -36.81 53.28 9.78
CA VAL D 6 -36.32 51.94 9.50
C VAL D 6 -36.88 51.48 8.16
N THR D 7 -36.09 50.70 7.43
CA THR D 7 -36.51 50.14 6.16
C THR D 7 -36.06 48.69 6.10
N VAL D 8 -36.97 47.83 5.68
CA VAL D 8 -36.75 46.39 5.70
C VAL D 8 -36.02 45.97 4.43
N TYR D 9 -34.93 45.21 4.59
CA TYR D 9 -34.15 44.71 3.48
C TYR D 9 -34.25 43.19 3.44
N TYR D 10 -34.51 42.63 2.27
CA TYR D 10 -34.63 41.20 2.07
C TYR D 10 -33.51 40.70 1.18
N GLY D 11 -32.80 39.67 1.63
CA GLY D 11 -31.72 39.09 0.85
C GLY D 11 -30.37 39.72 1.13
N VAL D 12 -30.10 40.02 2.39
CA VAL D 12 -28.84 40.65 2.78
C VAL D 12 -27.82 39.57 3.10
N PRO D 13 -26.53 39.79 2.80
CA PRO D 13 -25.49 38.77 3.07
C PRO D 13 -25.06 38.72 4.54
N VAL D 14 -25.85 38.02 5.35
CA VAL D 14 -25.53 37.80 6.75
C VAL D 14 -25.90 36.37 7.12
N TRP D 15 -24.96 35.64 7.71
CA TRP D 15 -25.16 34.25 8.07
C TRP D 15 -24.80 34.05 9.54
N LYS D 16 -25.16 32.87 10.05
CA LYS D 16 -24.85 32.48 11.42
C LYS D 16 -24.36 31.05 11.44
N ASP D 17 -23.49 30.74 12.40
CA ASP D 17 -23.11 29.36 12.65
C ASP D 17 -24.35 28.54 12.98
N ALA D 18 -24.47 27.37 12.34
CA ALA D 18 -25.67 26.57 12.52
C ALA D 18 -25.35 25.12 12.22
N GLU D 19 -26.27 24.24 12.62
CA GLU D 19 -26.20 22.82 12.34
C GLU D 19 -27.49 22.39 11.67
N THR D 20 -27.38 21.75 10.51
CA THR D 20 -28.55 21.20 9.83
C THR D 20 -28.16 19.91 9.14
N THR D 21 -29.17 19.14 8.74
CA THR D 21 -28.96 17.86 8.09
C THR D 21 -28.52 18.11 6.66
N LEU D 22 -27.23 17.92 6.39
CA LEU D 22 -26.74 17.98 5.02
C LEU D 22 -27.17 16.74 4.25
N PHE D 23 -27.07 16.82 2.93
CA PHE D 23 -27.41 15.70 2.07
C PHE D 23 -26.25 15.41 1.12
N CYS D 24 -26.20 14.17 0.64
CA CYS D 24 -25.09 13.66 -0.14
C CYS D 24 -25.41 13.68 -1.64
N ALA D 25 -24.34 13.72 -2.44
CA ALA D 25 -24.47 13.76 -3.89
C ALA D 25 -23.31 12.99 -4.50
N SER D 26 -23.60 12.24 -5.57
CA SER D 26 -22.60 11.44 -6.25
C SER D 26 -22.72 11.64 -7.76
N ASP D 27 -21.80 11.04 -8.51
CA ASP D 27 -21.60 11.37 -9.92
C ASP D 27 -22.11 10.25 -10.83
N ALA D 28 -21.38 9.14 -10.93
CA ALA D 28 -21.76 8.05 -11.82
C ALA D 28 -21.57 6.69 -11.15
N LYS D 35 -21.23 -2.48 -9.39
CA LYS D 35 -22.68 -2.51 -9.20
C LYS D 35 -23.12 -1.48 -8.16
N HIS D 36 -23.33 -1.94 -6.94
CA HIS D 36 -23.70 -1.08 -5.82
C HIS D 36 -22.66 -1.19 -4.72
N ASN D 37 -22.42 -0.08 -4.03
CA ASN D 37 -21.46 -0.01 -2.95
C ASN D 37 -22.17 0.17 -1.61
N VAL D 38 -21.44 -0.12 -0.53
CA VAL D 38 -22.00 0.01 0.81
C VAL D 38 -22.42 1.45 1.08
N TRP D 39 -21.66 2.42 0.55
CA TRP D 39 -21.98 3.83 0.73
C TRP D 39 -23.26 4.24 0.02
N ALA D 40 -23.87 3.35 -0.76
CA ALA D 40 -25.15 3.60 -1.41
C ALA D 40 -25.15 4.89 -2.22
N THR D 41 -24.00 5.21 -2.83
CA THR D 41 -23.85 6.46 -3.56
C THR D 41 -24.76 6.54 -4.78
N HIS D 42 -25.32 5.41 -5.23
CA HIS D 42 -26.33 5.46 -6.29
C HIS D 42 -27.57 6.21 -5.82
N ALA D 43 -27.87 6.17 -4.51
CA ALA D 43 -29.06 6.80 -3.98
C ALA D 43 -28.87 8.31 -3.76
N CYS D 44 -27.63 8.78 -3.65
CA CYS D 44 -27.41 10.22 -3.56
C CYS D 44 -27.72 10.89 -4.88
N VAL D 45 -28.31 12.08 -4.81
CA VAL D 45 -28.75 12.82 -5.98
C VAL D 45 -27.56 13.04 -6.91
N PRO D 46 -27.75 13.09 -8.23
CA PRO D 46 -26.62 13.27 -9.14
C PRO D 46 -25.88 14.56 -8.87
N THR D 47 -24.56 14.44 -8.68
CA THR D 47 -23.72 15.62 -8.49
C THR D 47 -23.81 16.52 -9.71
N ASP D 48 -23.76 17.82 -9.49
CA ASP D 48 -23.88 18.76 -10.60
C ASP D 48 -22.52 18.90 -11.29
N PRO D 49 -22.45 18.75 -12.61
CA PRO D 49 -21.17 18.91 -13.31
C PRO D 49 -20.62 20.33 -13.22
N ASN D 50 -21.43 21.30 -12.81
CA ASN D 50 -20.99 22.69 -12.66
C ASN D 50 -20.99 23.03 -11.16
N PRO D 51 -19.89 22.79 -10.45
CA PRO D 51 -19.86 23.14 -9.02
C PRO D 51 -19.52 24.60 -8.82
N GLN D 52 -20.52 25.41 -8.51
CA GLN D 52 -20.32 26.85 -8.36
C GLN D 52 -19.52 27.14 -7.10
N GLU D 53 -18.42 27.86 -7.24
CA GLU D 53 -17.64 28.39 -6.13
C GLU D 53 -17.62 29.90 -6.24
N ILE D 54 -18.32 30.58 -5.34
CA ILE D 54 -18.38 32.03 -5.32
C ILE D 54 -17.39 32.54 -4.29
N HIS D 55 -16.51 33.45 -4.72
CA HIS D 55 -15.50 34.01 -3.84
C HIS D 55 -16.11 35.13 -3.00
N LEU D 56 -15.94 35.04 -1.69
CA LEU D 56 -16.47 36.03 -0.76
C LEU D 56 -15.34 37.00 -0.43
N GLU D 57 -15.21 38.04 -1.26
CA GLU D 57 -14.15 39.02 -1.11
C GLU D 57 -14.29 39.76 0.22
N ASN D 58 -13.13 40.11 0.80
CA ASN D 58 -13.04 40.91 2.02
C ASN D 58 -13.51 40.16 3.26
N VAL D 59 -14.07 38.96 3.08
CA VAL D 59 -14.68 38.23 4.18
C VAL D 59 -13.62 37.46 4.95
N THR D 60 -13.75 37.46 6.28
CA THR D 60 -12.94 36.63 7.16
C THR D 60 -13.86 35.88 8.12
N GLU D 61 -13.74 34.56 8.15
CA GLU D 61 -14.59 33.71 8.97
C GLU D 61 -13.77 32.89 9.93
N GLU D 62 -14.38 32.52 11.07
CA GLU D 62 -13.75 31.75 12.12
C GLU D 62 -14.14 30.28 11.94
N PHE D 63 -13.16 29.44 11.63
CA PHE D 63 -13.36 28.01 11.50
C PHE D 63 -12.90 27.29 12.77
N ASN D 64 -13.31 26.03 12.89
CA ASN D 64 -12.82 25.16 13.97
C ASN D 64 -13.19 23.73 13.55
N MET D 65 -12.23 23.04 12.91
CA MET D 65 -12.46 21.69 12.43
C MET D 65 -12.75 20.70 13.54
N TRP D 66 -12.58 21.10 14.80
CA TRP D 66 -12.77 20.20 15.93
C TRP D 66 -14.14 20.34 16.57
N LYS D 67 -14.77 21.50 16.47
CA LYS D 67 -16.18 21.66 16.79
C LYS D 67 -17.08 21.36 15.60
N ASN D 68 -16.49 21.09 14.43
CA ASN D 68 -17.26 20.94 13.21
C ASN D 68 -18.23 19.77 13.33
N ASN D 69 -19.46 19.99 12.83
CA ASN D 69 -20.51 18.99 12.92
C ASN D 69 -20.66 18.16 11.64
N MET D 70 -20.10 18.61 10.52
CA MET D 70 -20.15 17.82 9.29
C MET D 70 -19.48 16.47 9.49
N VAL D 71 -18.36 16.44 10.23
CA VAL D 71 -17.70 15.17 10.49
C VAL D 71 -18.50 14.36 11.51
N GLU D 72 -19.19 15.03 12.44
CA GLU D 72 -20.03 14.33 13.40
C GLU D 72 -21.28 13.75 12.74
N GLN D 73 -21.73 14.33 11.63
CA GLN D 73 -22.84 13.78 10.85
C GLN D 73 -22.38 12.69 9.88
N MET D 74 -21.27 12.93 9.16
CA MET D 74 -20.76 11.92 8.25
C MET D 74 -20.37 10.65 9.00
N HIS D 75 -19.73 10.80 10.17
CA HIS D 75 -19.32 9.63 10.94
C HIS D 75 -20.51 8.76 11.31
N THR D 76 -21.70 9.34 11.41
CA THR D 76 -22.90 8.54 11.65
C THR D 76 -23.58 8.10 10.35
N ASP D 77 -23.45 8.89 9.29
CA ASP D 77 -23.95 8.45 7.98
C ASP D 77 -23.24 7.18 7.52
N ILE D 78 -21.95 7.07 7.83
CA ILE D 78 -21.20 5.87 7.47
C ILE D 78 -21.68 4.68 8.30
N ILE D 79 -21.77 4.85 9.62
CA ILE D 79 -22.23 3.77 10.48
C ILE D 79 -23.66 3.38 10.14
N SER D 80 -24.49 4.36 9.77
CA SER D 80 -25.85 4.05 9.37
C SER D 80 -25.90 3.38 8.00
N LEU D 81 -24.93 3.69 7.13
CA LEU D 81 -24.84 2.99 5.85
C LEU D 81 -24.33 1.57 6.05
N TRP D 82 -23.42 1.38 7.01
CA TRP D 82 -22.92 0.03 7.31
C TRP D 82 -24.04 -0.88 7.77
N ASP D 83 -24.78 -0.45 8.79
CA ASP D 83 -25.88 -1.28 9.30
C ASP D 83 -26.99 -1.45 8.27
N GLN D 84 -27.17 -0.47 7.39
CA GLN D 84 -28.20 -0.58 6.36
C GLN D 84 -27.84 -1.57 5.27
N SER D 85 -26.55 -1.70 4.97
CA SER D 85 -26.10 -2.56 3.88
C SER D 85 -26.00 -4.03 4.29
N LEU D 86 -26.29 -4.37 5.54
CA LEU D 86 -26.23 -5.75 6.01
C LEU D 86 -27.60 -6.30 6.36
N LYS D 87 -28.66 -5.50 6.24
CA LYS D 87 -30.00 -6.01 6.53
C LYS D 87 -30.42 -7.17 5.63
N PRO D 88 -30.20 -7.13 4.31
CA PRO D 88 -30.59 -8.28 3.48
C PRO D 88 -29.63 -9.46 3.57
N CYS D 89 -28.39 -9.23 3.98
CA CYS D 89 -27.35 -10.24 3.82
C CYS D 89 -27.53 -11.39 4.82
N VAL D 90 -26.92 -12.53 4.49
CA VAL D 90 -27.09 -13.75 5.25
C VAL D 90 -26.45 -13.61 6.63
N LYS D 91 -27.16 -14.08 7.65
CA LYS D 91 -26.69 -14.03 9.03
C LYS D 91 -26.02 -15.35 9.39
N LEU D 92 -24.75 -15.29 9.78
CA LEU D 92 -23.95 -16.49 10.06
C LEU D 92 -24.06 -16.88 11.53
N THR D 93 -25.28 -17.23 11.94
CA THR D 93 -25.50 -17.75 13.28
C THR D 93 -25.30 -19.28 13.34
N PRO D 94 -25.64 -20.06 12.31
CA PRO D 94 -25.35 -21.50 12.38
C PRO D 94 -23.86 -21.82 12.32
N LEU D 95 -23.01 -20.88 11.90
CA LEU D 95 -21.58 -21.12 11.91
C LEU D 95 -20.99 -21.13 13.31
N CYS D 96 -21.75 -20.70 14.32
CA CYS D 96 -21.30 -20.75 15.71
C CYS D 96 -21.47 -22.17 16.24
N VAL D 97 -20.66 -23.07 15.68
CA VAL D 97 -20.66 -24.49 16.03
C VAL D 97 -19.23 -24.87 16.37
N THR D 98 -19.09 -26.00 17.06
CA THR D 98 -17.77 -26.49 17.46
C THR D 98 -16.96 -26.86 16.22
N LEU D 99 -15.79 -26.24 16.08
CA LEU D 99 -14.93 -26.45 14.93
C LEU D 99 -13.83 -27.44 15.28
N GLN D 100 -13.51 -28.33 14.35
CA GLN D 100 -12.40 -29.27 14.47
C GLN D 100 -11.30 -28.77 13.55
N CYS D 101 -10.26 -28.16 14.13
CA CYS D 101 -9.27 -27.40 13.38
C CYS D 101 -7.90 -28.05 13.46
N THR D 102 -7.22 -28.07 12.31
CA THR D 102 -5.80 -28.37 12.20
C THR D 102 -5.11 -27.20 11.52
N ASN D 103 -3.79 -27.17 11.60
CA ASN D 103 -3.03 -26.16 10.88
C ASN D 103 -3.08 -26.45 9.37
N VAL D 104 -2.49 -25.55 8.60
CA VAL D 104 -2.27 -25.76 7.18
C VAL D 104 -0.84 -26.23 6.99
N THR D 105 -0.65 -27.25 6.16
CA THR D 105 0.66 -27.87 5.99
C THR D 105 1.70 -26.86 5.53
N ASN D 106 2.87 -26.90 6.17
CA ASN D 106 3.96 -26.00 5.82
C ASN D 106 5.30 -26.59 6.25
N ARG D 113 3.42 -19.40 9.39
CA ARG D 113 3.87 -20.48 10.26
C ARG D 113 2.77 -20.88 11.25
N GLY D 114 1.78 -21.61 10.74
CA GLY D 114 0.65 -21.97 11.57
C GLY D 114 -0.38 -20.88 11.71
N GLU D 115 -0.45 -19.95 10.75
CA GLU D 115 -1.37 -18.82 10.81
C GLU D 115 -2.80 -19.27 10.60
N LEU D 116 -3.21 -19.39 9.34
CA LEU D 116 -4.58 -19.77 9.02
C LEU D 116 -4.79 -21.25 9.29
N LYS D 117 -5.98 -21.59 9.78
CA LYS D 117 -6.30 -22.94 10.19
C LYS D 117 -7.16 -23.64 9.15
N ASN D 118 -7.24 -24.96 9.28
CA ASN D 118 -8.09 -25.80 8.42
C ASN D 118 -9.10 -26.50 9.33
N CYS D 119 -10.34 -26.02 9.31
CA CYS D 119 -11.37 -26.46 10.23
C CYS D 119 -12.50 -27.16 9.50
N SER D 120 -12.97 -28.26 10.06
CA SER D 120 -14.13 -28.98 9.57
C SER D 120 -15.19 -29.02 10.66
N PHE D 121 -16.45 -28.97 10.24
CA PHE D 121 -17.56 -28.88 11.19
C PHE D 121 -18.83 -29.43 10.57
N ASN D 122 -19.68 -30.00 11.43
CA ASN D 122 -21.04 -30.34 11.02
C ASN D 122 -21.85 -29.07 10.83
N MET D 123 -22.68 -29.06 9.79
CA MET D 123 -23.35 -27.84 9.38
C MET D 123 -24.76 -28.16 8.89
N THR D 124 -25.70 -27.25 9.17
CA THR D 124 -27.05 -27.39 8.66
C THR D 124 -27.06 -27.35 7.14
N THR D 125 -28.01 -28.06 6.55
CA THR D 125 -28.19 -28.09 5.11
C THR D 125 -29.44 -27.32 4.72
N GLU D 126 -29.84 -27.45 3.46
CA GLU D 126 -31.10 -26.87 3.00
C GLU D 126 -32.30 -27.60 3.57
N LEU D 127 -32.13 -28.87 3.97
CA LEU D 127 -33.15 -29.62 4.68
C LEU D 127 -32.81 -29.62 6.17
N ARG D 128 -33.80 -29.29 7.00
CA ARG D 128 -33.55 -29.07 8.42
C ARG D 128 -33.16 -30.33 9.18
N ASP D 129 -33.30 -31.51 8.56
CA ASP D 129 -32.98 -32.76 9.23
C ASP D 129 -31.76 -33.45 8.63
N LYS D 130 -31.05 -32.80 7.72
CA LYS D 130 -29.83 -33.34 7.14
C LYS D 130 -28.66 -32.44 7.53
N LYS D 131 -27.59 -33.07 8.00
CA LYS D 131 -26.36 -32.36 8.35
C LYS D 131 -25.28 -32.65 7.31
N GLN D 132 -24.29 -31.77 7.24
CA GLN D 132 -23.18 -31.93 6.31
C GLN D 132 -21.87 -31.67 7.05
N LYS D 133 -20.90 -32.56 6.86
CA LYS D 133 -19.55 -32.39 7.39
C LYS D 133 -18.75 -31.63 6.35
N VAL D 134 -18.59 -30.33 6.55
CA VAL D 134 -17.90 -29.47 5.61
C VAL D 134 -16.69 -28.85 6.29
N TYR D 135 -15.73 -28.40 5.48
CA TYR D 135 -14.50 -27.83 5.97
C TYR D 135 -14.28 -26.46 5.34
N SER D 136 -13.50 -25.62 6.03
CA SER D 136 -13.15 -24.30 5.53
C SER D 136 -11.96 -23.78 6.32
N LEU D 137 -11.33 -22.73 5.78
CA LEU D 137 -10.17 -22.12 6.39
C LEU D 137 -10.58 -20.86 7.14
N PHE D 138 -10.01 -20.68 8.34
CA PHE D 138 -10.23 -19.49 9.14
C PHE D 138 -8.89 -19.02 9.68
N TYR D 139 -8.53 -17.77 9.40
CA TYR D 139 -7.37 -17.17 10.03
C TYR D 139 -7.51 -17.25 11.54
N ARG D 140 -6.39 -17.50 12.23
CA ARG D 140 -6.45 -17.74 13.67
C ARG D 140 -7.05 -16.56 14.43
N LEU D 141 -6.97 -15.36 13.88
CA LEU D 141 -7.60 -14.20 14.50
C LEU D 141 -9.12 -14.24 14.45
N ASP D 142 -9.71 -15.30 13.91
CA ASP D 142 -11.16 -15.46 13.87
C ASP D 142 -11.65 -16.62 14.72
N VAL D 143 -10.76 -17.38 15.36
CA VAL D 143 -11.13 -18.55 16.14
C VAL D 143 -10.35 -18.57 17.45
N VAL D 144 -10.92 -19.26 18.44
CA VAL D 144 -10.28 -19.51 19.72
C VAL D 144 -10.63 -20.92 20.15
N GLN D 145 -9.81 -21.46 21.06
CA GLN D 145 -9.93 -22.86 21.47
C GLN D 145 -10.97 -23.00 22.58
N ILE D 146 -11.18 -24.25 22.99
CA ILE D 146 -12.07 -24.59 24.09
C ILE D 146 -11.29 -25.08 25.32
N ASN D 147 -10.42 -26.07 25.13
CA ASN D 147 -9.60 -26.58 26.22
C ASN D 147 -8.22 -25.96 26.18
N LYS D 159 -7.79 -30.65 17.57
CA LYS D 159 -8.16 -29.66 18.57
C LYS D 159 -9.46 -28.97 18.20
N GLU D 160 -10.21 -28.54 19.20
CA GLU D 160 -11.53 -27.93 19.00
C GLU D 160 -11.44 -26.42 19.15
N TYR D 161 -11.96 -25.70 18.15
CA TYR D 161 -11.99 -24.24 18.14
C TYR D 161 -13.42 -23.75 18.00
N ARG D 162 -13.59 -22.45 18.17
CA ARG D 162 -14.86 -21.78 17.94
C ARG D 162 -14.59 -20.41 17.35
N LEU D 163 -15.55 -19.90 16.57
CA LEU D 163 -15.42 -18.57 16.01
C LEU D 163 -15.39 -17.53 17.12
N ILE D 164 -14.66 -16.44 16.88
CA ILE D 164 -14.32 -15.50 17.95
C ILE D 164 -15.56 -14.77 18.46
N ASN D 165 -16.57 -14.57 17.62
CA ASN D 165 -17.70 -13.73 17.97
C ASN D 165 -18.79 -14.45 18.77
N CYS D 166 -18.73 -15.77 18.86
CA CYS D 166 -19.90 -16.53 19.30
C CYS D 166 -20.27 -16.29 20.76
N ASN D 167 -19.36 -15.76 21.57
CA ASN D 167 -19.69 -15.41 22.95
C ASN D 167 -20.04 -13.95 23.13
N THR D 168 -19.97 -13.15 22.07
CA THR D 168 -20.31 -11.72 22.13
C THR D 168 -21.53 -11.37 21.31
N SER D 169 -21.60 -11.81 20.06
CA SER D 169 -22.67 -11.42 19.16
C SER D 169 -22.63 -12.28 17.91
N ALA D 170 -23.77 -12.38 17.25
CA ALA D 170 -23.82 -13.02 15.95
C ALA D 170 -23.14 -12.14 14.90
N CYS D 171 -22.84 -12.72 13.76
CA CYS D 171 -22.15 -12.03 12.67
C CYS D 171 -22.98 -12.13 11.40
N THR D 172 -22.96 -11.07 10.61
CA THR D 172 -23.68 -11.02 9.34
C THR D 172 -22.66 -11.02 8.20
N GLN D 173 -22.70 -12.06 7.38
CA GLN D 173 -21.82 -12.12 6.22
C GLN D 173 -22.16 -11.02 5.23
N ALA D 174 -21.16 -10.28 4.78
CA ALA D 174 -21.38 -9.23 3.80
C ALA D 174 -21.89 -9.83 2.49
N CYS D 175 -22.85 -9.15 1.88
CA CYS D 175 -23.35 -9.58 0.59
C CYS D 175 -22.23 -9.55 -0.44
N PRO D 176 -21.97 -10.65 -1.15
CA PRO D 176 -20.82 -10.68 -2.08
C PRO D 176 -21.06 -9.88 -3.36
N LYS D 177 -22.03 -8.97 -3.36
CA LYS D 177 -22.24 -8.07 -4.49
C LYS D 177 -21.97 -6.61 -4.15
N VAL D 178 -22.08 -6.22 -2.89
CA VAL D 178 -21.76 -4.85 -2.49
C VAL D 178 -20.25 -4.68 -2.47
N SER D 179 -19.79 -3.50 -2.86
CA SER D 179 -18.36 -3.21 -2.94
C SER D 179 -17.94 -2.34 -1.77
N PHE D 180 -16.76 -2.61 -1.24
CA PHE D 180 -16.16 -1.81 -0.19
C PHE D 180 -15.37 -0.63 -0.74
N GLU D 181 -15.54 -0.32 -2.02
CA GLU D 181 -14.75 0.73 -2.66
C GLU D 181 -15.22 2.10 -2.19
N PRO D 182 -14.34 2.94 -1.64
CA PRO D 182 -14.74 4.32 -1.34
C PRO D 182 -15.11 5.08 -2.60
N ILE D 183 -16.25 5.74 -2.56
CA ILE D 183 -16.72 6.55 -3.68
C ILE D 183 -16.68 8.02 -3.27
N PRO D 184 -16.22 8.92 -4.13
CA PRO D 184 -16.27 10.35 -3.81
C PRO D 184 -17.68 10.83 -3.46
N ILE D 185 -17.87 11.22 -2.21
CA ILE D 185 -19.15 11.72 -1.72
C ILE D 185 -19.05 13.23 -1.53
N HIS D 186 -20.08 13.94 -1.97
CA HIS D 186 -20.16 15.39 -1.82
C HIS D 186 -21.29 15.73 -0.85
N TYR D 187 -20.96 16.49 0.20
CA TYR D 187 -21.95 16.96 1.14
C TYR D 187 -22.43 18.35 0.74
N CYS D 188 -23.74 18.55 0.75
CA CYS D 188 -24.35 19.80 0.32
C CYS D 188 -25.26 20.35 1.40
N ALA D 189 -25.42 21.68 1.40
CA ALA D 189 -26.33 22.34 2.33
C ALA D 189 -27.70 22.53 1.71
N PRO D 190 -28.76 22.45 2.50
CA PRO D 190 -30.11 22.64 1.95
C PRO D 190 -30.35 24.08 1.57
N ALA D 191 -31.50 24.32 0.95
CA ALA D 191 -31.89 25.67 0.57
C ALA D 191 -32.06 26.53 1.82
N GLY D 192 -31.51 27.74 1.77
CA GLY D 192 -31.49 28.61 2.92
C GLY D 192 -30.25 28.50 3.77
N PHE D 193 -29.36 27.55 3.47
CA PHE D 193 -28.10 27.36 4.16
C PHE D 193 -26.96 27.54 3.16
N ALA D 194 -25.73 27.39 3.66
CA ALA D 194 -24.56 27.52 2.80
C ALA D 194 -23.39 26.79 3.44
N ILE D 195 -22.38 26.49 2.61
CA ILE D 195 -21.13 25.90 3.06
C ILE D 195 -20.01 26.87 2.72
N LEU D 196 -19.12 27.12 3.69
CA LEU D 196 -18.01 28.05 3.52
C LEU D 196 -16.70 27.26 3.47
N LYS D 197 -15.98 27.40 2.38
CA LYS D 197 -14.65 26.82 2.23
C LYS D 197 -13.60 27.77 2.76
N CYS D 198 -12.44 27.23 3.11
CA CYS D 198 -11.29 28.01 3.57
C CYS D 198 -10.13 27.77 2.60
N LYS D 199 -9.88 28.74 1.73
CA LYS D 199 -8.84 28.64 0.72
C LYS D 199 -7.47 29.09 1.24
N ASP D 200 -7.25 29.03 2.56
CA ASP D 200 -5.96 29.38 3.13
C ASP D 200 -5.06 28.15 3.07
N LYS D 201 -4.01 28.23 2.24
CA LYS D 201 -3.16 27.08 1.97
C LYS D 201 -2.21 26.76 3.12
N LYS D 202 -2.16 27.59 4.15
CA LYS D 202 -1.41 27.32 5.38
C LYS D 202 -2.32 27.49 6.58
N PHE D 203 -3.47 26.83 6.54
CA PHE D 203 -4.52 26.99 7.54
C PHE D 203 -4.49 25.80 8.48
N ASN D 204 -3.96 26.01 9.69
CA ASN D 204 -4.17 25.01 10.73
C ASN D 204 -5.63 25.04 11.15
N GLY D 205 -6.08 23.91 11.70
CA GLY D 205 -7.48 23.64 11.95
C GLY D 205 -8.37 24.77 12.41
N THR D 206 -7.91 25.55 13.38
CA THR D 206 -8.72 26.58 14.01
C THR D 206 -8.25 27.97 13.58
N GLY D 207 -9.04 28.98 13.93
CA GLY D 207 -8.67 30.35 13.71
C GLY D 207 -9.51 31.05 12.67
N PRO D 208 -9.09 32.26 12.30
CA PRO D 208 -9.86 33.04 11.31
C PRO D 208 -9.29 32.90 9.90
N CYS D 209 -10.02 32.21 9.03
CA CYS D 209 -9.59 32.06 7.64
C CYS D 209 -9.75 33.38 6.89
N PRO D 210 -8.70 33.92 6.28
CA PRO D 210 -8.83 35.23 5.62
C PRO D 210 -9.43 35.15 4.22
N SER D 211 -9.26 34.01 3.56
CA SER D 211 -9.78 33.81 2.21
C SER D 211 -10.89 32.75 2.28
N VAL D 212 -12.14 33.19 2.18
CA VAL D 212 -13.30 32.33 2.32
C VAL D 212 -14.11 32.38 1.04
N SER D 213 -14.64 31.22 0.64
CA SER D 213 -15.53 31.12 -0.51
C SER D 213 -16.68 30.20 -0.15
N THR D 214 -17.85 30.50 -0.73
CA THR D 214 -19.06 29.71 -0.47
C THR D 214 -19.26 28.68 -1.55
N VAL D 215 -19.69 27.48 -1.16
CA VAL D 215 -19.93 26.38 -2.07
C VAL D 215 -21.29 25.78 -1.75
N GLN D 216 -21.96 25.29 -2.80
CA GLN D 216 -23.20 24.54 -2.58
C GLN D 216 -22.89 23.17 -1.99
N CYS D 217 -21.79 22.57 -2.43
CA CYS D 217 -21.38 21.25 -1.97
C CYS D 217 -19.89 21.23 -1.72
N THR D 218 -19.46 20.31 -0.86
CA THR D 218 -18.04 20.07 -0.65
C THR D 218 -17.46 19.37 -1.88
N HIS D 219 -16.16 19.07 -1.83
CA HIS D 219 -15.53 18.33 -2.90
C HIS D 219 -15.79 16.84 -2.70
N GLY D 220 -15.19 16.00 -3.54
CA GLY D 220 -15.36 14.57 -3.44
C GLY D 220 -14.62 13.97 -2.25
N ILE D 221 -15.36 13.59 -1.21
CA ILE D 221 -14.78 12.99 -0.02
C ILE D 221 -14.90 11.49 -0.15
N LYS D 222 -13.76 10.79 -0.17
CA LYS D 222 -13.75 9.34 -0.19
C LYS D 222 -13.78 8.82 1.23
N PRO D 223 -14.84 8.15 1.67
CA PRO D 223 -14.90 7.66 3.06
C PRO D 223 -13.98 6.47 3.28
N VAL D 224 -12.67 6.71 3.25
CA VAL D 224 -11.69 5.64 3.40
C VAL D 224 -11.53 5.33 4.89
N VAL D 225 -12.06 4.19 5.31
CA VAL D 225 -11.82 3.71 6.66
C VAL D 225 -10.36 3.27 6.76
N SER D 226 -9.61 3.92 7.65
CA SER D 226 -8.18 3.69 7.76
C SER D 226 -7.80 3.73 9.24
N THR D 227 -6.49 3.69 9.49
CA THR D 227 -5.95 3.72 10.85
C THR D 227 -4.49 4.14 10.80
N GLN D 228 -4.11 5.06 11.69
CA GLN D 228 -2.73 5.52 11.83
C GLN D 228 -2.24 6.26 10.58
N LEU D 229 -2.45 5.68 9.41
CA LEU D 229 -2.01 6.25 8.14
C LEU D 229 -3.23 6.59 7.31
N LEU D 230 -3.42 7.87 7.01
CA LEU D 230 -4.55 8.31 6.21
C LEU D 230 -4.26 8.04 4.74
N LEU D 231 -5.09 7.20 4.11
CA LEU D 231 -4.84 6.71 2.77
C LEU D 231 -5.71 7.41 1.75
N ASN D 232 -5.19 7.54 0.53
CA ASN D 232 -5.90 8.01 -0.66
C ASN D 232 -6.53 9.39 -0.48
N GLY D 233 -6.22 10.09 0.61
CA GLY D 233 -6.88 11.33 0.94
C GLY D 233 -6.38 12.50 0.12
N SER D 234 -6.78 13.70 0.55
CA SER D 234 -6.40 14.94 -0.10
C SER D 234 -5.10 15.45 0.49
N LEU D 235 -4.16 15.81 -0.39
CA LEU D 235 -2.88 16.34 0.03
C LEU D 235 -3.03 17.79 0.47
N ALA D 236 -1.92 18.38 0.91
CA ALA D 236 -1.85 19.79 1.25
C ALA D 236 -1.04 20.53 0.19
N GLU D 237 -1.40 21.78 -0.04
CA GLU D 237 -0.61 22.64 -0.91
C GLU D 237 0.51 23.29 -0.11
N GLU D 238 1.46 23.89 -0.84
CA GLU D 238 2.62 24.53 -0.24
C GLU D 238 3.42 23.56 0.61
N GLU D 239 3.15 23.53 1.91
CA GLU D 239 3.94 22.75 2.85
C GLU D 239 3.03 21.76 3.60
N VAL D 240 3.66 20.76 4.21
CA VAL D 240 2.94 19.76 4.98
C VAL D 240 2.52 20.39 6.31
N MET D 241 1.21 20.47 6.53
CA MET D 241 0.67 21.04 7.76
C MET D 241 0.56 19.97 8.84
N ILE D 242 0.41 20.44 10.08
CA ILE D 242 -0.02 19.63 11.22
C ILE D 242 -1.10 20.40 11.95
N ARG D 243 -2.00 19.66 12.61
CA ARG D 243 -3.16 20.28 13.25
C ARG D 243 -3.14 19.92 14.73
N SER D 244 -4.14 19.21 15.23
CA SER D 244 -4.45 18.96 16.64
C SER D 244 -5.15 20.16 17.27
N GLU D 245 -5.76 19.96 18.44
CA GLU D 245 -6.36 21.05 19.20
C GLU D 245 -5.33 21.64 20.14
N ASN D 246 -5.45 21.34 21.42
CA ASN D 246 -4.45 21.70 22.42
C ASN D 246 -3.20 20.87 22.19
N ILE D 247 -2.25 21.39 21.42
CA ILE D 247 -1.06 20.61 21.07
C ILE D 247 -0.21 20.37 22.31
N THR D 248 -0.31 21.24 23.31
CA THR D 248 0.38 20.99 24.57
C THR D 248 -0.25 19.87 25.36
N ASN D 249 -1.53 19.56 25.10
CA ASN D 249 -2.17 18.39 25.68
C ASN D 249 -1.80 17.15 24.87
N ASN D 250 -1.12 16.20 25.52
CA ASN D 250 -0.64 15.01 24.82
C ASN D 250 -1.76 14.04 24.45
N ALA D 251 -2.88 14.05 25.20
CA ALA D 251 -4.02 13.20 24.93
C ALA D 251 -4.90 13.72 23.80
N LYS D 252 -4.34 14.52 22.89
CA LYS D 252 -5.05 15.02 21.71
C LYS D 252 -4.29 14.58 20.47
N ASN D 253 -4.92 13.77 19.64
CA ASN D 253 -4.25 13.23 18.46
C ASN D 253 -3.87 14.35 17.49
N ILE D 254 -2.67 14.23 16.93
CA ILE D 254 -2.14 15.24 16.01
C ILE D 254 -2.39 14.74 14.59
N LEU D 255 -3.27 15.44 13.88
CA LEU D 255 -3.52 15.15 12.47
C LEU D 255 -2.49 15.86 11.62
N VAL D 256 -1.59 15.09 11.01
CA VAL D 256 -0.60 15.64 10.08
C VAL D 256 -1.05 15.30 8.67
N GLN D 257 -0.89 16.27 7.76
CA GLN D 257 -1.37 16.14 6.38
C GLN D 257 -0.22 16.40 5.43
N PHE D 258 0.16 15.38 4.68
CA PHE D 258 1.31 15.49 3.79
C PHE D 258 1.02 16.46 2.63
N ASN D 259 2.09 16.99 2.05
CA ASN D 259 2.01 17.79 0.84
C ASN D 259 2.33 16.98 -0.41
N THR D 260 3.21 15.99 -0.28
CA THR D 260 3.54 15.04 -1.33
C THR D 260 3.15 13.64 -0.90
N PRO D 261 2.64 12.81 -1.81
CA PRO D 261 2.22 11.46 -1.43
C PRO D 261 3.40 10.51 -1.33
N VAL D 262 3.33 9.62 -0.34
CA VAL D 262 4.27 8.52 -0.22
C VAL D 262 3.58 7.26 -0.72
N GLN D 263 4.24 6.54 -1.62
CA GLN D 263 3.65 5.36 -2.23
C GLN D 263 3.62 4.20 -1.26
N ILE D 264 2.49 3.51 -1.18
CA ILE D 264 2.38 2.27 -0.41
C ILE D 264 1.75 1.20 -1.31
N ASN D 265 2.34 0.01 -1.31
CA ASN D 265 1.86 -1.12 -2.09
C ASN D 265 1.60 -2.28 -1.15
N CYS D 266 0.37 -2.76 -1.13
CA CYS D 266 -0.02 -3.88 -0.29
C CYS D 266 -0.50 -5.03 -1.16
N THR D 267 -0.37 -6.25 -0.63
CA THR D 267 -0.79 -7.43 -1.37
C THR D 267 -1.07 -8.57 -0.41
N ARG D 268 -2.06 -9.38 -0.77
CA ARG D 268 -2.23 -10.71 -0.18
C ARG D 268 -1.86 -11.71 -1.25
N PRO D 269 -0.66 -12.31 -1.19
CA PRO D 269 -0.16 -13.10 -2.33
C PRO D 269 -0.79 -14.47 -2.46
N ASN D 270 -1.39 -15.02 -1.41
CA ASN D 270 -1.99 -16.34 -1.52
C ASN D 270 -3.17 -16.33 -2.49
N ASN D 271 -3.19 -17.31 -3.38
CA ASN D 271 -4.27 -17.45 -4.36
C ASN D 271 -5.37 -18.28 -3.72
N MET D 272 -6.41 -17.61 -3.24
CA MET D 272 -7.46 -18.23 -2.44
C MET D 272 -8.62 -18.67 -3.31
N THR D 273 -9.41 -19.61 -2.77
CA THR D 273 -10.60 -20.14 -3.42
C THR D 273 -11.82 -19.88 -2.55
N ARG D 274 -12.94 -19.57 -3.19
CA ARG D 274 -14.21 -19.37 -2.51
C ARG D 274 -15.09 -20.58 -2.70
N LYS D 275 -15.76 -21.01 -1.63
CA LYS D 275 -16.60 -22.20 -1.64
C LYS D 275 -17.95 -21.87 -1.03
N SER D 276 -19.00 -21.94 -1.84
CA SER D 276 -20.35 -21.72 -1.34
C SER D 276 -20.81 -22.94 -0.53
N ILE D 277 -21.35 -22.68 0.65
CA ILE D 277 -21.87 -23.73 1.52
C ILE D 277 -23.36 -23.46 1.74
N ARG D 278 -24.20 -24.28 1.12
CA ARG D 278 -25.65 -24.16 1.26
C ARG D 278 -26.03 -24.54 2.69
N ILE D 279 -26.30 -23.54 3.52
CA ILE D 279 -26.64 -23.74 4.92
C ILE D 279 -28.13 -23.52 5.18
N GLY D 280 -28.92 -23.35 4.13
CA GLY D 280 -30.35 -23.13 4.28
C GLY D 280 -31.00 -22.75 2.97
N PRO D 281 -32.33 -22.73 2.95
CA PRO D 281 -33.05 -22.31 1.74
C PRO D 281 -32.71 -20.89 1.33
N GLY D 282 -31.78 -20.75 0.39
CA GLY D 282 -31.29 -19.46 -0.03
C GLY D 282 -30.13 -18.93 0.80
N GLN D 283 -29.85 -19.52 1.95
CA GLN D 283 -28.76 -19.10 2.81
C GLN D 283 -27.50 -19.85 2.40
N ALA D 284 -26.53 -19.14 1.84
CA ALA D 284 -25.27 -19.72 1.38
C ALA D 284 -24.12 -18.95 2.00
N PHE D 285 -23.38 -19.59 2.90
CA PHE D 285 -22.20 -19.00 3.50
C PHE D 285 -20.99 -19.28 2.60
N TYR D 286 -20.33 -18.20 2.17
CA TYR D 286 -19.17 -18.32 1.28
C TYR D 286 -17.94 -18.61 2.12
N ALA D 287 -17.46 -19.84 2.04
CA ALA D 287 -16.34 -20.30 2.85
C ALA D 287 -15.02 -20.16 2.10
N LEU D 288 -13.93 -20.44 2.81
CA LEU D 288 -12.58 -20.37 2.26
C LEU D 288 -12.15 -21.78 1.83
N GLY D 289 -12.08 -22.00 0.53
CA GLY D 289 -11.77 -23.31 -0.01
C GLY D 289 -10.40 -23.84 0.37
N ASP D 290 -9.40 -23.55 -0.46
CA ASP D 290 -8.02 -23.93 -0.16
C ASP D 290 -7.10 -22.94 -0.84
N ILE D 291 -5.80 -23.08 -0.57
CA ILE D 291 -4.78 -22.19 -1.11
C ILE D 291 -4.21 -22.85 -2.36
N ILE D 292 -4.43 -22.23 -3.51
CA ILE D 292 -3.83 -22.70 -4.76
C ILE D 292 -2.43 -22.11 -4.87
N GLY D 293 -1.45 -22.99 -5.09
CA GLY D 293 -0.07 -22.53 -5.26
C GLY D 293 0.64 -22.30 -3.94
N ASP D 294 1.58 -21.36 -3.96
CA ASP D 294 2.42 -21.09 -2.79
C ASP D 294 1.62 -20.45 -1.67
N ILE D 295 1.98 -20.81 -0.44
CA ILE D 295 1.58 -20.05 0.74
C ILE D 295 2.60 -18.95 0.97
N ARG D 296 2.14 -17.71 1.08
CA ARG D 296 3.04 -16.59 1.29
C ARG D 296 2.44 -15.68 2.36
N GLN D 297 3.09 -14.54 2.59
CA GLN D 297 2.76 -13.64 3.69
C GLN D 297 2.25 -12.31 3.16
N PRO D 298 1.06 -11.87 3.57
CA PRO D 298 0.57 -10.56 3.12
C PRO D 298 1.32 -9.44 3.82
N HIS D 299 1.64 -8.40 3.05
CA HIS D 299 2.50 -7.33 3.54
C HIS D 299 2.25 -6.07 2.72
N CYS D 300 2.96 -4.99 3.09
CA CYS D 300 2.90 -3.72 2.39
C CYS D 300 4.30 -3.18 2.19
N ASN D 301 4.47 -2.35 1.17
CA ASN D 301 5.75 -1.74 0.84
C ASN D 301 5.64 -0.23 0.79
N VAL D 302 6.70 0.44 1.23
CA VAL D 302 6.84 1.88 1.08
C VAL D 302 8.30 2.17 0.75
N SER D 303 8.52 3.12 -0.15
CA SER D 303 9.88 3.52 -0.48
C SER D 303 10.55 4.14 0.73
N LYS D 304 11.61 3.50 1.22
CA LYS D 304 12.33 4.03 2.38
C LYS D 304 12.88 5.43 2.10
N ALA D 305 13.19 5.72 0.83
CA ALA D 305 13.64 7.07 0.48
C ALA D 305 12.49 8.07 0.60
N THR D 306 11.36 7.80 -0.04
CA THR D 306 10.23 8.71 0.01
C THR D 306 9.67 8.82 1.43
N TRP D 307 9.68 7.71 2.19
CA TRP D 307 9.25 7.78 3.57
C TRP D 307 10.26 8.51 4.45
N ASN D 308 11.54 8.49 4.06
CA ASN D 308 12.55 9.24 4.79
C ASN D 308 12.36 10.75 4.60
N GLU D 309 12.21 11.17 3.35
CA GLU D 309 12.01 12.59 3.07
C GLU D 309 10.66 13.08 3.58
N THR D 310 9.66 12.21 3.65
CA THR D 310 8.37 12.60 4.18
C THR D 310 8.39 12.67 5.70
N LEU D 311 9.00 11.69 6.36
CA LEU D 311 9.21 11.80 7.80
C LEU D 311 10.10 13.00 8.13
N GLY D 312 11.00 13.37 7.22
CA GLY D 312 11.77 14.58 7.41
C GLY D 312 10.93 15.83 7.31
N LYS D 313 9.90 15.81 6.47
CA LYS D 313 8.99 16.96 6.37
C LYS D 313 8.11 17.07 7.60
N VAL D 314 7.72 15.94 8.20
CA VAL D 314 6.84 15.99 9.37
C VAL D 314 7.59 16.50 10.59
N VAL D 315 8.85 16.09 10.76
CA VAL D 315 9.64 16.57 11.89
C VAL D 315 9.98 18.05 11.73
N LYS D 316 9.95 18.58 10.51
CA LYS D 316 10.19 20.00 10.30
C LYS D 316 9.15 20.83 11.04
N GLN D 317 7.87 20.65 10.70
CA GLN D 317 6.81 21.38 11.37
C GLN D 317 6.60 20.97 12.82
N LEU D 318 7.17 19.83 13.23
CA LEU D 318 7.08 19.44 14.64
C LEU D 318 7.97 20.29 15.53
N ARG D 319 9.03 20.88 14.98
CA ARG D 319 9.90 21.74 15.78
C ARG D 319 9.26 23.11 16.03
N LYS D 320 8.43 23.58 15.10
CA LYS D 320 7.77 24.88 15.27
C LYS D 320 6.90 24.93 16.53
N HIS D 321 6.50 23.77 17.05
CA HIS D 321 5.68 23.71 18.25
C HIS D 321 6.42 23.17 19.46
N PHE D 322 7.58 22.53 19.28
CA PHE D 322 8.27 21.87 20.38
C PHE D 322 9.71 22.34 20.59
N GLY D 323 10.32 22.99 19.60
CA GLY D 323 11.66 23.54 19.80
C GLY D 323 12.67 23.13 18.74
N ASN D 324 13.57 24.05 18.39
CA ASN D 324 14.61 23.78 17.40
C ASN D 324 15.72 22.90 17.93
N ASN D 325 15.76 22.62 19.23
CA ASN D 325 16.84 21.85 19.84
C ASN D 325 16.42 20.48 20.34
N THR D 326 15.16 20.30 20.72
CA THR D 326 14.73 19.04 21.31
C THR D 326 14.73 17.93 20.26
N ILE D 327 15.00 16.71 20.72
CA ILE D 327 15.01 15.54 19.85
C ILE D 327 13.59 15.04 19.65
N ILE D 328 13.29 14.57 18.44
CA ILE D 328 11.96 14.09 18.08
C ILE D 328 12.08 12.59 17.79
N ARG D 329 11.56 11.78 18.70
CA ARG D 329 11.64 10.32 18.60
C ARG D 329 10.36 9.77 18.01
N PHE D 330 10.50 8.74 17.18
CA PHE D 330 9.37 7.98 16.67
C PHE D 330 9.43 6.56 17.20
N ALA D 331 8.29 6.05 17.66
CA ALA D 331 8.18 4.70 18.18
C ALA D 331 6.90 4.06 17.66
N ASN D 332 6.73 2.78 17.95
CA ASN D 332 5.54 2.07 17.53
C ASN D 332 4.42 2.29 18.56
N SER D 333 3.27 1.66 18.31
CA SER D 333 2.10 1.84 19.17
C SER D 333 2.40 1.41 20.60
N SER D 334 1.59 1.91 21.52
CA SER D 334 1.73 1.62 22.94
C SER D 334 1.02 0.33 23.35
N GLY D 335 0.24 -0.27 22.47
CA GLY D 335 -0.52 -1.47 22.77
C GLY D 335 -2.01 -1.22 22.80
N GLY D 336 -2.75 -2.31 22.96
CA GLY D 336 -4.20 -2.24 23.02
C GLY D 336 -4.88 -3.12 22.00
N ASP D 337 -5.88 -2.58 21.31
CA ASP D 337 -6.62 -3.35 20.33
C ASP D 337 -5.80 -3.58 19.07
N LEU D 338 -6.17 -4.63 18.33
CA LEU D 338 -5.48 -4.93 17.08
C LEU D 338 -5.72 -3.83 16.04
N GLU D 339 -6.90 -3.22 16.04
CA GLU D 339 -7.23 -2.23 15.03
C GLU D 339 -6.52 -0.90 15.26
N VAL D 340 -5.95 -0.66 16.44
CA VAL D 340 -5.33 0.63 16.72
C VAL D 340 -3.82 0.45 16.72
N THR D 341 -3.37 -0.76 17.07
CA THR D 341 -1.93 -1.01 17.13
C THR D 341 -1.31 -1.11 15.74
N THR D 342 -2.09 -1.48 14.74
CA THR D 342 -1.58 -1.72 13.40
C THR D 342 -2.33 -0.88 12.39
N HIS D 343 -1.64 -0.52 11.30
CA HIS D 343 -2.28 0.15 10.17
C HIS D 343 -3.34 -0.76 9.57
N SER D 344 -4.59 -0.60 10.01
CA SER D 344 -5.69 -1.41 9.53
C SER D 344 -6.47 -0.65 8.46
N PHE D 345 -6.78 -1.35 7.36
CA PHE D 345 -7.46 -0.76 6.22
C PHE D 345 -8.14 -1.90 5.46
N ASN D 346 -8.60 -1.59 4.25
CA ASN D 346 -9.24 -2.57 3.39
C ASN D 346 -8.57 -2.57 2.02
N CYS D 347 -8.20 -3.75 1.54
CA CYS D 347 -7.49 -3.91 0.28
C CYS D 347 -8.21 -4.97 -0.54
N GLY D 348 -9.01 -4.54 -1.51
CA GLY D 348 -9.71 -5.46 -2.37
C GLY D 348 -10.76 -6.30 -1.69
N GLY D 349 -11.29 -5.86 -0.55
CA GLY D 349 -12.35 -6.56 0.13
C GLY D 349 -11.95 -7.30 1.39
N GLU D 350 -10.65 -7.41 1.67
CA GLU D 350 -10.17 -8.07 2.87
C GLU D 350 -9.44 -7.06 3.75
N PHE D 351 -9.60 -7.21 5.06
CA PHE D 351 -9.14 -6.20 6.02
C PHE D 351 -7.75 -6.58 6.51
N PHE D 352 -6.78 -5.70 6.25
CA PHE D 352 -5.39 -5.91 6.63
C PHE D 352 -5.12 -5.31 8.01
N TYR D 353 -4.03 -5.76 8.62
CA TYR D 353 -3.61 -5.27 9.93
C TYR D 353 -2.08 -5.28 9.94
N CYS D 354 -1.48 -4.20 9.46
CA CYS D 354 -0.07 -4.14 9.14
C CYS D 354 0.73 -3.56 10.31
N ASN D 355 1.74 -4.31 10.75
CA ASN D 355 2.66 -3.86 11.79
C ASN D 355 3.50 -2.70 11.25
N THR D 356 3.25 -1.49 11.76
CA THR D 356 3.93 -0.29 11.31
C THR D 356 5.21 -0.01 12.09
N SER D 357 5.73 -1.00 12.82
CA SER D 357 6.91 -0.75 13.64
C SER D 357 8.13 -0.37 12.79
N GLY D 358 8.19 -0.86 11.56
CA GLY D 358 9.25 -0.51 10.64
C GLY D 358 9.15 0.85 10.01
N LEU D 359 8.08 1.60 10.30
CA LEU D 359 7.88 2.94 9.78
C LEU D 359 8.20 4.03 10.80
N PHE D 360 7.81 3.81 12.06
CA PHE D 360 8.06 4.77 13.13
C PHE D 360 9.14 4.19 14.05
N ASN D 361 10.37 4.17 13.53
CA ASN D 361 11.55 3.68 14.24
C ASN D 361 12.71 4.62 13.88
N SER D 362 12.62 5.86 14.36
CA SER D 362 13.59 6.88 14.01
C SER D 362 13.70 7.90 15.13
N THR D 363 14.91 8.44 15.30
CA THR D 363 15.19 9.52 16.22
C THR D 363 15.85 10.65 15.46
N TRP D 364 15.28 11.84 15.52
CA TRP D 364 15.76 12.98 14.75
C TRP D 364 16.34 14.06 15.66
N ASN D 379 14.74 -0.17 -4.79
CA ASN D 379 16.07 0.05 -4.23
C ASN D 379 16.02 0.12 -2.71
N ASP D 380 14.96 0.72 -2.19
CA ASP D 380 14.83 0.96 -0.75
C ASP D 380 13.89 -0.06 -0.10
N SER D 381 12.60 0.23 -0.13
CA SER D 381 11.54 -0.70 0.27
C SER D 381 11.57 -1.05 1.75
N ILE D 382 10.64 -0.49 2.52
CA ILE D 382 10.33 -0.95 3.87
C ILE D 382 9.10 -1.85 3.77
N THR D 383 9.15 -3.00 4.44
CA THR D 383 8.09 -4.00 4.36
C THR D 383 7.40 -4.13 5.71
N LEU D 384 6.06 -4.07 5.69
CA LEU D 384 5.25 -4.19 6.89
C LEU D 384 4.54 -5.53 6.89
N PRO D 385 4.78 -6.41 7.87
CA PRO D 385 4.08 -7.69 7.90
C PRO D 385 2.64 -7.51 8.34
N CYS D 386 1.70 -7.82 7.43
CA CYS D 386 0.28 -7.66 7.67
C CYS D 386 -0.38 -9.00 7.95
N ARG D 387 -1.35 -8.99 8.86
CA ARG D 387 -2.24 -10.11 9.08
C ARG D 387 -3.56 -9.84 8.36
N ILE D 388 -4.48 -10.80 8.42
CA ILE D 388 -5.78 -10.67 7.78
C ILE D 388 -6.84 -11.24 8.71
N LYS D 389 -7.93 -10.49 8.88
CA LYS D 389 -9.07 -10.89 9.67
C LYS D 389 -10.29 -11.02 8.76
N GLN D 390 -11.25 -11.84 9.17
CA GLN D 390 -12.54 -11.91 8.52
C GLN D 390 -13.69 -11.49 9.42
N ILE D 391 -13.54 -11.59 10.74
CA ILE D 391 -14.56 -11.20 11.70
C ILE D 391 -14.15 -9.84 12.26
N ILE D 392 -14.74 -8.77 11.72
CA ILE D 392 -14.49 -7.42 12.19
C ILE D 392 -15.78 -6.86 12.78
N ASN D 393 -15.65 -6.10 13.87
CA ASN D 393 -16.79 -5.47 14.52
C ASN D 393 -16.96 -4.02 14.07
N MET D 394 -15.87 -3.27 14.06
CA MET D 394 -15.82 -1.88 13.58
C MET D 394 -16.62 -0.95 14.49
N TRP D 395 -15.95 0.11 14.98
CA TRP D 395 -16.56 1.08 15.88
C TRP D 395 -17.03 0.41 17.17
N GLN D 396 -18.17 -0.28 17.12
CA GLN D 396 -18.66 -1.01 18.28
C GLN D 396 -18.21 -2.47 18.24
N GLY D 399 -21.03 -5.37 20.18
CA GLY D 399 -22.12 -4.88 19.36
C GLY D 399 -22.58 -5.87 18.32
N GLN D 400 -22.28 -5.59 17.05
CA GLN D 400 -22.61 -6.46 15.95
C GLN D 400 -21.44 -6.49 14.98
N CYS D 401 -21.14 -7.68 14.46
CA CYS D 401 -19.97 -7.89 13.61
C CYS D 401 -20.38 -8.32 12.21
N MET D 402 -19.39 -8.32 11.32
CA MET D 402 -19.56 -8.69 9.93
C MET D 402 -18.47 -9.68 9.53
N TYR D 403 -18.86 -10.73 8.81
CA TYR D 403 -17.92 -11.67 8.20
C TYR D 403 -17.73 -11.24 6.75
N ALA D 404 -16.56 -10.70 6.44
CA ALA D 404 -16.23 -10.35 5.07
C ALA D 404 -15.97 -11.63 4.28
N PRO D 405 -16.68 -11.88 3.17
CA PRO D 405 -16.45 -13.11 2.43
C PRO D 405 -15.07 -13.11 1.80
N PRO D 406 -14.46 -14.29 1.65
CA PRO D 406 -13.11 -14.33 1.06
C PRO D 406 -13.13 -13.91 -0.40
N ILE D 407 -12.13 -13.11 -0.76
CA ILE D 407 -11.95 -12.66 -2.14
C ILE D 407 -11.11 -13.68 -2.88
N GLN D 408 -11.49 -13.98 -4.12
CA GLN D 408 -10.82 -15.01 -4.89
C GLN D 408 -9.70 -14.40 -5.73
N GLY D 409 -8.64 -15.17 -5.91
CA GLY D 409 -7.48 -14.71 -6.66
C GLY D 409 -6.41 -14.13 -5.76
N VAL D 410 -5.51 -13.38 -6.38
CA VAL D 410 -4.41 -12.71 -5.69
C VAL D 410 -4.78 -11.24 -5.52
N ILE D 411 -4.66 -10.74 -4.29
CA ILE D 411 -5.06 -9.38 -3.94
C ILE D 411 -3.83 -8.49 -3.89
N ARG D 412 -3.91 -7.34 -4.56
CA ARG D 412 -2.90 -6.30 -4.38
C ARG D 412 -3.52 -4.97 -4.77
N CYS D 413 -3.25 -3.95 -3.95
CA CYS D 413 -3.81 -2.62 -4.13
C CYS D 413 -2.71 -1.59 -3.92
N VAL D 414 -2.79 -0.48 -4.66
CA VAL D 414 -1.81 0.59 -4.60
C VAL D 414 -2.49 1.85 -4.09
N SER D 415 -1.93 2.45 -3.05
CA SER D 415 -2.55 3.59 -2.39
C SER D 415 -1.51 4.68 -2.16
N ASN D 416 -2.01 5.89 -1.94
CA ASN D 416 -1.22 6.99 -1.39
C ASN D 416 -1.56 7.15 0.07
N ILE D 417 -0.56 7.09 0.94
CA ILE D 417 -0.73 7.53 2.32
C ILE D 417 -0.49 9.04 2.33
N THR D 418 -1.54 9.79 2.63
CA THR D 418 -1.52 11.25 2.54
C THR D 418 -1.56 11.95 3.89
N GLY D 419 -1.95 11.26 4.95
CA GLY D 419 -1.99 11.88 6.25
C GLY D 419 -1.32 11.05 7.33
N LEU D 420 -1.67 11.31 8.58
CA LEU D 420 -1.06 10.63 9.72
C LEU D 420 -1.82 11.02 10.97
N ILE D 421 -1.80 10.13 11.96
CA ILE D 421 -2.41 10.39 13.25
C ILE D 421 -1.44 10.04 14.36
N LEU D 422 -0.75 11.04 14.90
CA LEU D 422 0.33 10.81 15.86
C LEU D 422 -0.17 10.98 17.29
N THR D 423 0.72 10.75 18.25
CA THR D 423 0.38 10.83 19.66
C THR D 423 1.67 11.00 20.46
N ARG D 424 1.87 12.18 21.03
CA ARG D 424 3.04 12.41 21.86
C ARG D 424 2.86 11.83 23.25
N ASP D 425 3.97 11.45 23.88
CA ASP D 425 3.91 10.77 25.18
C ASP D 425 3.73 11.77 26.32
N GLY D 426 4.78 12.51 26.64
CA GLY D 426 4.74 13.47 27.73
C GLY D 426 4.79 12.82 29.09
N THR D 433 13.55 15.71 23.89
CA THR D 433 13.09 14.52 24.58
C THR D 433 11.59 14.32 24.41
N GLU D 434 11.12 14.41 23.18
CA GLU D 434 9.69 14.30 22.86
C GLU D 434 9.52 13.21 21.81
N THR D 435 8.79 12.16 22.16
CA THR D 435 8.56 11.02 21.29
C THR D 435 7.14 11.05 20.73
N PHE D 436 6.99 10.52 19.51
CA PHE D 436 5.71 10.49 18.83
C PHE D 436 5.42 9.07 18.33
N ARG D 437 4.19 8.64 18.53
CA ARG D 437 3.73 7.30 18.19
C ARG D 437 2.47 7.39 17.34
N PRO D 438 2.17 6.34 16.56
CA PRO D 438 0.94 6.35 15.77
C PRO D 438 -0.27 5.98 16.61
N GLY D 439 -1.40 6.60 16.26
CA GLY D 439 -2.65 6.36 16.95
C GLY D 439 -3.83 6.40 15.99
N GLY D 440 -5.01 6.19 16.55
CA GLY D 440 -6.24 6.19 15.80
C GLY D 440 -7.42 5.78 16.64
N GLY D 441 -7.58 6.45 17.79
CA GLY D 441 -8.62 6.07 18.74
C GLY D 441 -10.02 6.24 18.21
N ASP D 442 -10.26 7.27 17.39
CA ASP D 442 -11.58 7.55 16.86
C ASP D 442 -11.53 7.58 15.35
N MET D 443 -12.58 7.03 14.72
CA MET D 443 -12.65 6.98 13.26
C MET D 443 -13.00 8.34 12.64
N ARG D 444 -13.65 9.22 13.40
CA ARG D 444 -14.08 10.50 12.84
C ARG D 444 -12.92 11.45 12.60
N ASP D 445 -11.73 11.17 13.14
CA ASP D 445 -10.56 11.96 12.78
C ASP D 445 -10.21 11.81 11.30
N ASN D 446 -10.68 10.74 10.66
CA ASN D 446 -10.47 10.57 9.22
C ASN D 446 -11.31 11.58 8.43
N TRP D 447 -12.62 11.62 8.68
CA TRP D 447 -13.45 12.62 8.00
C TRP D 447 -13.05 14.03 8.40
N ARG D 448 -12.55 14.21 9.62
CA ARG D 448 -12.08 15.52 10.05
C ARG D 448 -10.88 15.97 9.24
N SER D 449 -10.05 15.03 8.78
CA SER D 449 -8.90 15.36 7.94
C SER D 449 -9.29 15.80 6.54
N GLU D 450 -10.57 15.71 6.19
CA GLU D 450 -11.06 16.15 4.90
C GLU D 450 -12.09 17.26 4.98
N LEU D 451 -12.83 17.36 6.08
CA LEU D 451 -13.85 18.39 6.26
C LEU D 451 -13.37 19.59 7.04
N TYR D 452 -12.05 19.70 7.28
CA TYR D 452 -11.52 20.87 7.97
C TYR D 452 -11.74 22.14 7.17
N LYS D 453 -11.77 22.02 5.83
CA LYS D 453 -11.93 23.18 4.97
C LYS D 453 -13.32 23.79 5.05
N TYR D 454 -14.31 23.04 5.54
CA TYR D 454 -15.71 23.43 5.40
C TYR D 454 -16.34 23.71 6.75
N LYS D 455 -17.50 24.37 6.70
CA LYS D 455 -18.24 24.84 7.86
C LYS D 455 -19.64 25.22 7.40
N VAL D 456 -20.64 24.82 8.18
CA VAL D 456 -22.04 25.07 7.83
C VAL D 456 -22.47 26.40 8.42
N VAL D 457 -23.15 27.21 7.61
CA VAL D 457 -23.74 28.46 8.04
C VAL D 457 -25.15 28.56 7.48
N LYS D 458 -26.04 29.20 8.22
CA LYS D 458 -27.41 29.41 7.77
C LYS D 458 -27.63 30.87 7.41
N ILE D 459 -28.40 31.09 6.35
CA ILE D 459 -28.67 32.42 5.84
C ILE D 459 -29.86 33.01 6.60
N GLU D 460 -29.71 34.25 7.07
CA GLU D 460 -30.80 35.01 7.66
C GLU D 460 -30.95 36.28 6.84
N PRO D 461 -31.73 36.24 5.76
CA PRO D 461 -31.70 37.31 4.75
C PRO D 461 -32.49 38.56 5.12
N LEU D 462 -33.04 38.66 6.32
CA LEU D 462 -33.82 39.81 6.73
C LEU D 462 -32.94 40.80 7.48
N GLY D 463 -32.95 42.05 7.03
CA GLY D 463 -32.17 43.09 7.68
C GLY D 463 -32.92 44.41 7.77
N VAL D 464 -32.83 45.06 8.92
CA VAL D 464 -33.46 46.36 9.15
C VAL D 464 -32.36 47.36 9.45
N ALA D 465 -32.38 48.49 8.73
CA ALA D 465 -31.36 49.52 8.86
C ALA D 465 -32.00 50.87 8.58
N PRO D 466 -31.47 51.96 9.12
CA PRO D 466 -32.10 53.26 8.95
C PRO D 466 -31.71 53.95 7.66
N THR D 467 -32.64 54.76 7.16
CA THR D 467 -32.39 55.68 6.06
C THR D 467 -33.50 56.74 6.09
N ARG D 468 -33.41 57.68 5.16
CA ARG D 468 -34.36 58.79 5.10
C ARG D 468 -35.50 58.48 4.13
N CYS D 469 -36.16 57.35 4.37
CA CYS D 469 -37.21 56.86 3.49
C CYS D 469 -38.47 56.57 4.31
N LYS D 470 -39.58 57.20 3.92
CA LYS D 470 -40.88 56.95 4.53
C LYS D 470 -41.90 56.68 3.43
N ARG D 471 -42.86 55.81 3.73
CA ARG D 471 -43.91 55.51 2.77
C ARG D 471 -45.07 56.50 2.90
N ARG D 472 -45.89 56.56 1.86
CA ARG D 472 -46.89 57.61 1.70
C ARG D 472 -48.14 57.30 2.51
N VAL D 473 -49.18 58.12 2.33
CA VAL D 473 -50.44 57.95 3.04
C VAL D 473 -51.57 57.62 2.08
N GLN E 1 38.36 -33.34 -12.37
CA GLN E 1 37.14 -33.03 -11.65
C GLN E 1 37.02 -33.90 -10.41
N VAL E 2 35.82 -34.36 -10.12
CA VAL E 2 35.54 -35.19 -8.94
C VAL E 2 34.96 -36.52 -9.40
N GLN E 3 35.55 -37.61 -8.93
CA GLN E 3 35.01 -38.95 -9.10
C GLN E 3 34.96 -39.63 -7.74
N LEU E 4 34.23 -40.74 -7.67
CA LEU E 4 34.08 -41.48 -6.42
C LEU E 4 34.17 -42.97 -6.70
N GLN E 5 34.47 -43.72 -5.65
CA GLN E 5 34.56 -45.17 -5.75
C GLN E 5 34.20 -45.78 -4.39
N GLU E 6 33.18 -46.62 -4.37
CA GLU E 6 32.74 -47.27 -3.15
C GLU E 6 33.49 -48.59 -2.95
N SER E 7 33.40 -49.12 -1.73
CA SER E 7 34.03 -50.39 -1.39
C SER E 7 33.42 -50.89 -0.09
N GLY E 8 33.01 -52.15 -0.07
CA GLY E 8 32.37 -52.72 1.09
C GLY E 8 32.62 -54.21 1.23
N PRO E 9 32.13 -54.80 2.33
CA PRO E 9 32.29 -56.25 2.52
C PRO E 9 31.78 -57.09 1.36
N GLY E 10 30.77 -56.62 0.63
CA GLY E 10 30.18 -57.41 -0.42
C GLY E 10 29.19 -58.43 0.10
N LEU E 11 29.47 -58.97 1.28
CA LEU E 11 28.59 -59.92 1.96
C LEU E 11 28.62 -59.62 3.45
N VAL E 12 27.44 -59.44 4.03
CA VAL E 12 27.29 -59.23 5.47
C VAL E 12 26.22 -60.19 5.98
N LYS E 13 26.43 -60.74 7.16
CA LYS E 13 25.48 -61.67 7.74
C LYS E 13 24.25 -60.94 8.26
N PRO E 14 23.11 -61.62 8.35
CA PRO E 14 21.92 -60.99 8.92
C PRO E 14 22.15 -60.55 10.36
N SER E 15 21.51 -59.45 10.74
CA SER E 15 21.63 -58.85 12.06
C SER E 15 23.10 -58.52 12.37
N GLU E 16 23.61 -57.56 11.61
CA GLU E 16 25.02 -57.20 11.68
C GLU E 16 25.19 -55.80 11.10
N THR E 17 26.35 -55.20 11.37
CA THR E 17 26.65 -53.86 10.91
C THR E 17 27.20 -53.92 9.48
N LEU E 18 26.51 -53.24 8.56
CA LEU E 18 26.92 -53.18 7.16
C LEU E 18 27.80 -51.96 6.98
N SER E 19 29.10 -52.13 7.25
CA SER E 19 30.03 -51.04 7.08
C SER E 19 30.28 -50.77 5.59
N LEU E 20 30.65 -49.54 5.28
CA LEU E 20 30.90 -49.13 3.91
C LEU E 20 31.76 -47.87 3.92
N THR E 21 32.33 -47.55 2.77
CA THR E 21 33.17 -46.38 2.64
C THR E 21 33.16 -45.91 1.19
N CYS E 22 33.66 -44.70 0.97
CA CYS E 22 33.64 -44.07 -0.34
C CYS E 22 34.72 -43.00 -0.38
N THR E 23 35.72 -43.19 -1.23
CA THR E 23 36.83 -42.26 -1.36
C THR E 23 36.63 -41.42 -2.62
N VAL E 24 36.61 -40.09 -2.45
CA VAL E 24 36.42 -39.19 -3.57
C VAL E 24 37.78 -38.74 -4.09
N SER E 25 37.81 -38.31 -5.34
CA SER E 25 39.04 -37.92 -6.01
C SER E 25 38.90 -36.51 -6.58
N GLY E 26 40.01 -35.78 -6.62
CA GLY E 26 40.04 -34.47 -7.23
C GLY E 26 39.05 -33.47 -6.64
N GLY E 27 38.71 -33.62 -5.37
CA GLY E 27 37.76 -32.72 -4.75
C GLY E 27 37.90 -32.76 -3.24
N SER E 28 37.60 -31.65 -2.59
CA SER E 28 37.70 -31.56 -1.14
C SER E 28 36.45 -32.14 -0.49
N ILE E 29 36.67 -32.88 0.59
CA ILE E 29 35.58 -33.57 1.28
C ILE E 29 34.73 -32.60 2.10
N SER E 30 35.27 -31.45 2.49
CA SER E 30 34.64 -30.58 3.47
C SER E 30 33.95 -29.36 2.88
N ASN E 31 33.71 -29.33 1.56
CA ASN E 31 33.00 -28.20 0.97
C ASN E 31 31.87 -28.64 0.05
N TYR E 32 31.33 -29.85 0.27
CA TYR E 32 30.20 -30.33 -0.51
C TYR E 32 29.32 -31.20 0.36
N TYR E 33 28.11 -31.48 -0.12
CA TYR E 33 27.22 -32.44 0.51
C TYR E 33 27.42 -33.81 -0.13
N TRP E 34 27.15 -34.86 0.63
CA TRP E 34 27.37 -36.23 0.18
C TRP E 34 26.14 -37.07 0.49
N SER E 35 25.67 -37.81 -0.52
CA SER E 35 24.46 -38.60 -0.40
C SER E 35 24.76 -40.08 -0.63
N TRP E 36 24.07 -40.93 0.13
CA TRP E 36 24.10 -42.38 -0.06
C TRP E 36 22.78 -42.82 -0.66
N ILE E 37 22.85 -43.65 -1.70
CA ILE E 37 21.67 -44.16 -2.39
C ILE E 37 21.85 -45.65 -2.65
N ARG E 38 20.84 -46.44 -2.32
CA ARG E 38 20.84 -47.87 -2.60
C ARG E 38 19.70 -48.21 -3.54
N GLN E 39 19.82 -49.36 -4.19
CA GLN E 39 18.83 -49.78 -5.19
C GLN E 39 18.79 -51.30 -5.20
N SER E 40 17.68 -51.88 -4.73
CA SER E 40 17.47 -53.31 -4.69
C SER E 40 16.75 -53.77 -5.95
N PRO E 41 16.87 -55.06 -6.30
CA PRO E 41 16.11 -55.57 -7.46
C PRO E 41 14.62 -55.59 -7.16
N GLY E 42 13.84 -55.07 -8.10
CA GLY E 42 12.42 -54.91 -7.92
C GLY E 42 12.00 -53.62 -7.22
N LYS E 43 12.92 -52.96 -6.54
CA LYS E 43 12.67 -51.68 -5.89
C LYS E 43 13.40 -50.58 -6.64
N GLY E 44 12.87 -49.37 -6.55
CA GLY E 44 13.47 -48.21 -7.18
C GLY E 44 14.59 -47.63 -6.36
N LEU E 45 15.11 -46.50 -6.83
CA LEU E 45 16.14 -45.78 -6.10
C LEU E 45 15.62 -45.31 -4.76
N GLU E 46 16.37 -45.60 -3.70
CA GLU E 46 16.03 -45.18 -2.35
C GLU E 46 17.13 -44.31 -1.80
N TRP E 47 16.76 -43.12 -1.32
CA TRP E 47 17.72 -42.17 -0.76
C TRP E 47 17.95 -42.51 0.71
N ILE E 48 19.16 -42.97 1.03
CA ILE E 48 19.53 -43.34 2.39
C ILE E 48 19.54 -42.08 3.26
N GLY E 49 20.62 -41.32 3.19
CA GLY E 49 20.73 -40.08 3.91
C GLY E 49 21.76 -39.21 3.25
N TYR E 50 22.15 -38.15 3.95
CA TYR E 50 23.19 -37.29 3.41
C TYR E 50 23.89 -36.55 4.54
N ILE E 51 25.13 -36.17 4.27
CA ILE E 51 25.94 -35.37 5.19
C ILE E 51 26.33 -34.09 4.47
N SER E 52 26.48 -33.02 5.25
CA SER E 52 26.69 -31.69 4.71
C SER E 52 28.18 -31.33 4.68
N ASP E 53 28.47 -30.18 4.09
CA ASP E 53 29.80 -29.58 4.26
C ASP E 53 30.04 -29.09 5.67
N SER E 54 28.98 -29.01 6.47
CA SER E 54 29.08 -28.75 7.91
C SER E 54 28.98 -30.04 8.73
N GLU E 55 28.95 -31.19 8.07
CA GLU E 55 28.89 -32.50 8.73
C GLU E 55 27.66 -32.64 9.61
N SER E 56 26.50 -32.31 9.05
CA SER E 56 25.22 -32.42 9.73
C SER E 56 24.47 -33.64 9.23
N THR E 57 23.81 -34.34 10.15
CA THR E 57 23.15 -35.60 9.85
C THR E 57 21.69 -35.37 9.48
N ASN E 58 21.20 -36.19 8.56
CA ASN E 58 19.80 -36.17 8.15
C ASN E 58 19.49 -37.42 7.33
N TYR E 59 18.71 -38.34 7.90
CA TYR E 59 18.48 -39.65 7.30
C TYR E 59 17.04 -39.81 6.83
N ASN E 60 16.85 -40.76 5.94
CA ASN E 60 15.50 -41.13 5.51
C ASN E 60 14.74 -41.71 6.70
N PRO E 61 13.54 -41.21 7.01
CA PRO E 61 12.69 -41.87 8.01
C PRO E 61 12.45 -43.34 7.70
N SER E 62 12.52 -43.73 6.42
CA SER E 62 12.40 -45.14 6.03
C SER E 62 13.32 -46.02 6.87
N LEU E 63 14.62 -45.71 6.86
CA LEU E 63 15.61 -46.44 7.66
C LEU E 63 15.80 -45.76 9.02
N LYS E 64 16.15 -44.47 9.01
CA LYS E 64 16.31 -43.64 10.20
C LYS E 64 17.02 -44.36 11.33
N SER E 65 16.30 -45.25 12.01
CA SER E 65 16.73 -45.80 13.29
C SER E 65 17.82 -46.85 13.12
N ARG E 66 18.46 -46.91 11.96
CA ARG E 66 19.56 -47.86 11.74
C ARG E 66 20.78 -47.26 11.08
N VAL E 67 20.67 -46.13 10.39
CA VAL E 67 21.78 -45.59 9.62
C VAL E 67 22.59 -44.64 10.50
N ILE E 68 23.88 -44.54 10.19
CA ILE E 68 24.74 -43.51 10.75
C ILE E 68 25.80 -43.18 9.69
N ILE E 69 25.86 -41.93 9.28
CA ILE E 69 26.69 -41.51 8.17
C ILE E 69 27.83 -40.67 8.73
N SER E 70 29.01 -41.28 8.84
CA SER E 70 30.19 -40.59 9.32
C SER E 70 30.97 -40.02 8.13
N VAL E 71 32.07 -39.32 8.44
CA VAL E 71 32.95 -38.77 7.43
C VAL E 71 34.26 -38.33 8.10
N ASP E 72 35.39 -38.77 7.55
CA ASP E 72 36.70 -38.41 8.07
C ASP E 72 37.43 -37.59 7.03
N THR E 73 37.77 -36.35 7.38
CA THR E 73 38.32 -35.39 6.43
C THR E 73 39.84 -35.46 6.32
N SER E 74 40.50 -36.34 7.07
CA SER E 74 41.93 -36.54 6.88
C SER E 74 42.22 -37.02 5.45
N LYS E 75 41.43 -37.96 4.96
CA LYS E 75 41.42 -38.33 3.56
C LYS E 75 40.20 -37.70 2.90
N ASN E 76 39.89 -38.14 1.69
CA ASN E 76 38.64 -37.78 1.02
C ASN E 76 37.61 -38.88 1.19
N GLN E 77 37.46 -39.34 2.43
CA GLN E 77 36.72 -40.56 2.74
C GLN E 77 35.53 -40.26 3.64
N LEU E 78 34.40 -40.89 3.33
CA LEU E 78 33.21 -40.80 4.17
C LEU E 78 32.54 -42.16 4.19
N SER E 79 32.05 -42.57 5.35
CA SER E 79 31.56 -43.93 5.57
C SER E 79 30.04 -43.95 5.68
N LEU E 80 29.52 -45.15 5.93
CA LEU E 80 28.09 -45.39 6.08
C LEU E 80 27.93 -46.73 6.79
N LYS E 81 27.16 -46.73 7.88
CA LYS E 81 27.02 -47.92 8.72
C LYS E 81 25.55 -48.22 8.96
N LEU E 82 25.00 -49.16 8.18
CA LEU E 82 23.67 -49.70 8.42
C LEU E 82 23.80 -50.95 9.27
N ASN E 83 22.97 -51.06 10.31
CA ASN E 83 23.01 -52.21 11.21
C ASN E 83 21.63 -52.87 11.25
N SER E 84 21.61 -54.05 11.89
CA SER E 84 20.40 -54.88 11.96
C SER E 84 19.85 -55.16 10.57
N VAL E 85 20.74 -55.60 9.67
CA VAL E 85 20.37 -55.80 8.29
C VAL E 85 19.43 -57.01 8.16
N THR E 86 18.58 -56.97 7.14
CA THR E 86 17.70 -58.07 6.79
C THR E 86 17.84 -58.35 5.30
N ALA E 87 17.11 -59.37 4.83
CA ALA E 87 17.21 -59.77 3.43
C ALA E 87 16.89 -58.62 2.47
N ALA E 88 16.01 -57.71 2.88
CA ALA E 88 15.61 -56.60 2.03
C ALA E 88 16.69 -55.54 1.87
N ASP E 89 17.82 -55.67 2.56
CA ASP E 89 18.90 -54.69 2.47
C ASP E 89 19.91 -55.01 1.38
N SER E 90 19.70 -56.09 0.62
CA SER E 90 20.57 -56.39 -0.52
C SER E 90 20.33 -55.37 -1.63
N ALA E 91 21.37 -54.65 -2.01
CA ALA E 91 21.24 -53.60 -3.01
C ALA E 91 22.62 -53.17 -3.48
N ILE E 92 22.64 -52.41 -4.56
CA ILE E 92 23.84 -51.69 -5.00
C ILE E 92 23.83 -50.33 -4.31
N TYR E 93 24.92 -50.02 -3.61
CA TYR E 93 25.00 -48.81 -2.79
C TYR E 93 25.84 -47.77 -3.53
N TYR E 94 25.23 -46.64 -3.85
CA TYR E 94 25.85 -45.60 -4.64
C TYR E 94 26.28 -44.42 -3.77
N CYS E 95 27.32 -43.72 -4.21
CA CYS E 95 27.92 -42.63 -3.46
C CYS E 95 27.98 -41.41 -4.38
N ALA E 96 27.16 -40.40 -4.08
CA ALA E 96 27.00 -39.26 -4.96
C ALA E 96 27.18 -37.96 -4.18
N ARG E 97 27.70 -36.94 -4.87
CA ARG E 97 27.88 -35.61 -4.29
C ARG E 97 26.59 -34.82 -4.47
N ALA E 98 25.95 -34.48 -3.36
CA ALA E 98 24.78 -33.64 -3.40
C ALA E 98 25.20 -32.18 -3.38
N GLN E 99 24.48 -31.34 -4.12
CA GLN E 99 24.70 -29.91 -4.14
C GLN E 99 23.40 -29.21 -3.73
N GLN E 100 23.53 -28.24 -2.83
CA GLN E 100 22.35 -27.59 -2.26
C GLN E 100 21.83 -26.50 -3.19
N GLY E 101 20.53 -26.56 -3.46
CA GLY E 101 19.83 -25.50 -4.17
C GLY E 101 18.81 -24.86 -3.26
N LYS E 102 18.70 -23.54 -3.35
CA LYS E 102 17.76 -22.77 -2.52
C LYS E 102 16.72 -22.16 -3.45
N ARG E 103 15.52 -22.73 -3.43
CA ARG E 103 14.43 -22.30 -4.30
C ARG E 103 13.62 -21.21 -3.59
N ILE E 104 13.78 -19.97 -4.05
CA ILE E 104 13.06 -18.83 -3.48
C ILE E 104 11.85 -18.55 -4.36
N TYR E 105 10.69 -18.43 -3.73
CA TYR E 105 9.46 -18.08 -4.43
C TYR E 105 8.84 -16.78 -3.92
N GLY E 106 8.85 -16.55 -2.61
CA GLY E 106 8.31 -15.33 -2.07
C GLY E 106 9.37 -14.36 -1.59
N MET E 107 9.35 -14.04 -0.29
CA MET E 107 10.30 -13.12 0.31
C MET E 107 11.29 -13.90 1.16
N VAL E 108 12.59 -13.73 0.87
CA VAL E 108 13.62 -14.41 1.65
C VAL E 108 13.56 -14.01 3.12
N SER E 109 13.15 -12.77 3.38
CA SER E 109 13.06 -12.30 4.77
C SER E 109 11.94 -13.01 5.52
N PHE E 110 10.84 -13.32 4.85
CA PHE E 110 9.74 -14.07 5.43
C PHE E 110 9.95 -15.57 5.35
N GLY E 111 11.14 -16.02 4.92
CA GLY E 111 11.42 -17.44 4.85
C GLY E 111 10.68 -18.18 3.76
N GLU E 112 10.17 -17.47 2.76
CA GLU E 112 9.37 -18.10 1.70
C GLU E 112 10.29 -18.72 0.63
N PHE E 113 11.14 -19.64 1.10
CA PHE E 113 11.99 -20.44 0.23
C PHE E 113 11.97 -21.87 0.75
N PHE E 114 12.66 -22.76 0.03
CA PHE E 114 12.88 -24.11 0.52
C PHE E 114 14.14 -24.67 -0.15
N TYR E 115 14.78 -25.60 0.54
CA TYR E 115 16.05 -26.16 0.11
C TYR E 115 15.83 -27.53 -0.56
N TYR E 116 16.38 -27.69 -1.76
CA TYR E 116 16.39 -28.96 -2.46
C TYR E 116 17.82 -29.42 -2.66
N TYR E 117 17.98 -30.70 -3.00
CA TYR E 117 19.30 -31.28 -3.19
C TYR E 117 19.33 -32.13 -4.44
N TYR E 118 20.38 -31.96 -5.23
CA TYR E 118 20.59 -32.73 -6.45
C TYR E 118 22.00 -33.31 -6.45
N MET E 119 22.10 -34.57 -6.85
CA MET E 119 23.38 -35.26 -6.96
C MET E 119 23.85 -35.18 -8.41
N ASP E 120 25.03 -34.59 -8.63
CA ASP E 120 25.54 -34.39 -9.98
C ASP E 120 26.59 -35.41 -10.40
N VAL E 121 27.40 -35.90 -9.46
CA VAL E 121 28.40 -36.92 -9.76
C VAL E 121 28.21 -38.08 -8.79
N TRP E 122 28.29 -39.30 -9.32
CA TRP E 122 27.99 -40.50 -8.56
C TRP E 122 29.20 -41.43 -8.52
N GLY E 123 29.20 -42.30 -7.51
CA GLY E 123 30.09 -43.44 -7.50
C GLY E 123 29.59 -44.50 -8.47
N LYS E 124 30.38 -45.57 -8.57
CA LYS E 124 30.05 -46.64 -9.50
C LYS E 124 29.10 -47.67 -8.92
N GLY E 125 29.11 -47.86 -7.60
CA GLY E 125 28.21 -48.79 -6.96
C GLY E 125 28.91 -50.01 -6.41
N THR E 126 28.60 -50.35 -5.16
CA THR E 126 29.15 -51.54 -4.51
C THR E 126 28.00 -52.49 -4.18
N THR E 127 28.07 -53.70 -4.72
CA THR E 127 27.05 -54.71 -4.49
C THR E 127 27.22 -55.29 -3.09
N VAL E 128 26.12 -55.40 -2.36
CA VAL E 128 26.12 -55.96 -1.01
C VAL E 128 24.97 -56.96 -0.91
N THR E 129 25.28 -58.20 -0.54
CA THR E 129 24.30 -59.26 -0.39
C THR E 129 24.30 -59.75 1.04
N VAL E 130 23.10 -59.95 1.60
CA VAL E 130 22.96 -60.41 2.98
C VAL E 130 22.35 -61.80 2.95
N SER E 131 23.04 -62.74 3.61
CA SER E 131 22.59 -64.12 3.71
C SER E 131 23.49 -64.84 4.71
N SER E 132 22.92 -65.81 5.41
CA SER E 132 23.70 -66.60 6.36
C SER E 132 24.74 -67.47 5.68
N ALA E 133 24.63 -67.66 4.37
CA ALA E 133 25.56 -68.50 3.65
C ALA E 133 26.96 -67.92 3.68
N SER E 134 27.95 -68.81 3.71
CA SER E 134 29.34 -68.39 3.77
C SER E 134 29.84 -67.97 2.39
N THR E 135 30.99 -67.30 2.38
CA THR E 135 31.61 -66.91 1.13
C THR E 135 32.12 -68.14 0.38
N LYS E 136 32.56 -67.92 -0.86
CA LYS E 136 33.01 -69.03 -1.70
C LYS E 136 33.86 -68.48 -2.83
N GLY E 137 34.97 -69.15 -3.11
CA GLY E 137 35.81 -68.81 -4.23
C GLY E 137 35.38 -69.58 -5.47
N PRO E 138 35.66 -69.01 -6.64
CA PRO E 138 35.31 -69.69 -7.90
C PRO E 138 36.32 -70.77 -8.26
N SER E 139 36.30 -71.19 -9.53
CA SER E 139 37.25 -72.18 -10.03
C SER E 139 37.23 -72.16 -11.56
N VAL E 140 38.08 -71.34 -12.16
CA VAL E 140 38.03 -71.10 -13.59
C VAL E 140 38.38 -72.37 -14.35
N PHE E 141 37.69 -72.60 -15.46
CA PHE E 141 37.95 -73.72 -16.36
C PHE E 141 38.11 -73.18 -17.77
N PRO E 142 39.15 -73.59 -18.50
CA PRO E 142 39.38 -73.03 -19.83
C PRO E 142 38.30 -73.44 -20.81
N LEU E 143 38.14 -72.61 -21.85
CA LEU E 143 37.22 -72.88 -22.95
C LEU E 143 37.98 -72.65 -24.25
N ALA E 144 38.42 -73.77 -24.88
CA ALA E 144 39.30 -73.73 -26.05
C ALA E 144 38.49 -73.67 -27.35
N PRO E 145 39.04 -72.99 -28.36
CA PRO E 145 38.35 -72.91 -29.65
C PRO E 145 38.66 -74.07 -30.57
N SER E 146 38.36 -73.92 -31.86
CA SER E 146 38.63 -74.97 -32.85
C SER E 146 38.52 -74.44 -34.28
N SER E 147 39.20 -73.33 -34.56
CA SER E 147 39.18 -72.70 -35.88
C SER E 147 37.77 -72.45 -36.39
N GLY E 153 39.39 -68.18 -40.11
CA GLY E 153 39.43 -66.73 -40.17
C GLY E 153 39.19 -66.08 -38.82
N THR E 154 38.13 -66.50 -38.14
CA THR E 154 37.77 -65.96 -36.84
C THR E 154 37.26 -67.08 -35.94
N ALA E 155 37.73 -67.08 -34.69
CA ALA E 155 37.31 -68.05 -33.69
C ALA E 155 37.17 -67.34 -32.34
N ALA E 156 36.65 -68.06 -31.36
CA ALA E 156 36.36 -67.48 -30.06
C ALA E 156 36.78 -68.45 -28.95
N LEU E 157 37.25 -67.88 -27.85
CA LEU E 157 37.65 -68.64 -26.67
C LEU E 157 37.36 -67.81 -25.43
N GLY E 158 37.36 -68.47 -24.28
CA GLY E 158 37.05 -67.77 -23.05
C GLY E 158 37.30 -68.61 -21.82
N CYS E 159 36.70 -68.17 -20.71
CA CYS E 159 36.89 -68.79 -19.41
C CYS E 159 35.54 -69.05 -18.76
N LEU E 160 35.43 -70.20 -18.08
CA LEU E 160 34.23 -70.59 -17.37
C LEU E 160 34.50 -70.45 -15.87
N VAL E 161 33.77 -69.55 -15.22
CA VAL E 161 33.98 -69.24 -13.80
C VAL E 161 32.87 -69.96 -13.05
N LYS E 162 33.17 -71.17 -12.57
CA LYS E 162 32.17 -72.03 -11.97
C LYS E 162 31.98 -71.72 -10.48
N ASP E 163 30.73 -71.86 -10.03
CA ASP E 163 30.34 -71.93 -8.63
C ASP E 163 31.06 -70.96 -7.71
N TYR E 164 30.54 -69.74 -7.55
CA TYR E 164 31.06 -68.78 -6.61
C TYR E 164 29.90 -68.08 -5.91
N PHE E 165 30.23 -67.36 -4.83
CA PHE E 165 29.23 -66.64 -4.06
C PHE E 165 29.94 -65.63 -3.17
N PRO E 166 29.46 -64.39 -3.08
CA PRO E 166 28.34 -63.88 -3.86
C PRO E 166 28.79 -63.05 -5.06
N GLU E 167 27.82 -62.46 -5.77
CA GLU E 167 28.12 -61.57 -6.87
C GLU E 167 28.98 -60.40 -6.38
N PRO E 168 29.89 -59.87 -7.21
CA PRO E 168 30.27 -60.29 -8.56
C PRO E 168 31.70 -60.82 -8.69
N VAL E 169 32.13 -61.01 -9.93
CA VAL E 169 33.52 -61.32 -10.25
C VAL E 169 33.94 -60.42 -11.40
N THR E 170 35.23 -60.04 -11.40
CA THR E 170 35.78 -59.18 -12.43
C THR E 170 36.75 -59.99 -13.28
N VAL E 171 36.53 -59.97 -14.60
CA VAL E 171 37.30 -60.77 -15.54
C VAL E 171 38.13 -59.85 -16.41
N SER E 172 39.44 -60.00 -16.35
CA SER E 172 40.38 -59.30 -17.21
C SER E 172 41.05 -60.30 -18.14
N TRP E 173 41.53 -59.80 -19.28
CA TRP E 173 42.21 -60.62 -20.27
C TRP E 173 43.61 -60.07 -20.50
N ASN E 174 44.61 -60.90 -20.22
CA ASN E 174 46.02 -60.50 -20.29
C ASN E 174 46.29 -59.28 -19.42
N SER E 175 45.72 -59.28 -18.21
CA SER E 175 45.85 -58.23 -17.20
C SER E 175 45.31 -56.89 -17.66
N GLY E 176 44.64 -56.83 -18.80
CA GLY E 176 44.06 -55.59 -19.27
C GLY E 176 44.43 -55.23 -20.70
N ALA E 177 45.45 -55.90 -21.24
CA ALA E 177 45.87 -55.64 -22.60
C ALA E 177 44.79 -56.01 -23.60
N LEU E 178 44.37 -57.27 -23.59
CA LEU E 178 43.30 -57.73 -24.47
C LEU E 178 41.98 -57.16 -23.99
N THR E 179 41.55 -56.06 -24.61
CA THR E 179 40.32 -55.40 -24.27
C THR E 179 39.35 -55.26 -25.43
N SER E 180 39.74 -55.66 -26.64
CA SER E 180 38.87 -55.57 -27.81
C SER E 180 38.28 -56.93 -28.12
N GLY E 181 36.98 -56.95 -28.42
CA GLY E 181 36.27 -58.18 -28.68
C GLY E 181 35.90 -58.98 -27.45
N VAL E 182 36.29 -58.54 -26.26
CA VAL E 182 35.95 -59.25 -25.04
C VAL E 182 34.46 -59.11 -24.75
N HIS E 183 33.85 -60.18 -24.25
CA HIS E 183 32.42 -60.16 -23.92
C HIS E 183 32.21 -61.04 -22.70
N THR E 184 32.06 -60.40 -21.54
CA THR E 184 31.75 -61.11 -20.30
C THR E 184 30.25 -61.17 -20.11
N PHE E 185 29.72 -62.37 -19.87
CA PHE E 185 28.29 -62.60 -19.77
C PHE E 185 27.81 -62.47 -18.33
N PRO E 186 26.54 -62.12 -18.14
CA PRO E 186 25.98 -62.08 -16.78
C PRO E 186 25.97 -63.47 -16.15
N ALA E 187 25.91 -63.50 -14.82
CA ALA E 187 26.05 -64.72 -14.07
C ALA E 187 24.76 -65.54 -14.10
N VAL E 188 24.80 -66.71 -13.47
CA VAL E 188 23.66 -67.60 -13.35
C VAL E 188 23.63 -68.14 -11.93
N LEU E 189 22.55 -67.87 -11.20
CA LEU E 189 22.37 -68.38 -9.85
C LEU E 189 21.78 -69.78 -9.93
N GLN E 190 22.63 -70.79 -9.75
CA GLN E 190 22.17 -72.16 -9.76
C GLN E 190 21.39 -72.48 -8.48
N SER E 191 20.61 -73.55 -8.54
CA SER E 191 19.80 -73.96 -7.39
C SER E 191 20.64 -74.36 -6.19
N SER E 192 21.94 -74.59 -6.36
CA SER E 192 22.83 -74.87 -5.25
C SER E 192 23.17 -73.60 -4.45
N GLY E 193 22.84 -72.43 -4.96
CA GLY E 193 23.11 -71.18 -4.28
C GLY E 193 24.41 -70.50 -4.67
N LEU E 194 24.98 -70.83 -5.82
CA LEU E 194 26.25 -70.27 -6.25
C LEU E 194 26.14 -69.75 -7.68
N TYR E 195 26.68 -68.57 -7.91
CA TYR E 195 26.68 -67.98 -9.25
C TYR E 195 27.76 -68.62 -10.11
N SER E 196 27.53 -68.61 -11.42
CA SER E 196 28.51 -69.10 -12.39
C SER E 196 28.53 -68.15 -13.58
N LEU E 197 29.72 -67.72 -13.98
CA LEU E 197 29.90 -66.75 -15.03
C LEU E 197 30.73 -67.35 -16.16
N SER E 198 30.56 -66.79 -17.37
CA SER E 198 31.30 -67.24 -18.54
C SER E 198 31.72 -66.02 -19.34
N SER E 199 33.03 -65.85 -19.50
CA SER E 199 33.59 -64.80 -20.33
C SER E 199 34.15 -65.41 -21.61
N VAL E 200 34.14 -64.62 -22.69
CA VAL E 200 34.53 -65.11 -24.00
C VAL E 200 35.06 -63.94 -24.82
N VAL E 201 36.12 -64.20 -25.59
CA VAL E 201 36.73 -63.21 -26.47
C VAL E 201 36.76 -63.77 -27.89
N THR E 202 36.33 -62.95 -28.85
CA THR E 202 36.50 -63.26 -30.26
C THR E 202 37.88 -62.79 -30.71
N VAL E 203 38.59 -63.66 -31.42
CA VAL E 203 40.00 -63.41 -31.76
C VAL E 203 40.26 -63.90 -33.18
N PRO E 204 41.06 -63.18 -33.97
CA PRO E 204 41.46 -63.69 -35.29
C PRO E 204 42.20 -65.02 -35.15
N SER E 205 41.67 -66.04 -35.84
CA SER E 205 42.21 -67.39 -35.71
C SER E 205 43.64 -67.51 -36.23
N SER E 206 44.10 -66.55 -37.04
CA SER E 206 45.48 -66.60 -37.52
C SER E 206 46.47 -66.31 -36.40
N SER E 207 46.06 -65.55 -35.39
CA SER E 207 46.91 -65.25 -34.24
C SER E 207 46.96 -66.40 -33.25
N LEU E 208 46.20 -67.47 -33.46
CA LEU E 208 46.08 -68.56 -32.50
C LEU E 208 47.25 -69.54 -32.70
N GLY E 209 48.44 -69.07 -32.33
CA GLY E 209 49.65 -69.85 -32.43
C GLY E 209 50.84 -69.01 -32.04
N THR E 210 50.83 -67.74 -32.46
CA THR E 210 51.86 -66.78 -32.10
C THR E 210 51.31 -65.69 -31.17
N GLN E 211 50.29 -66.03 -30.38
CA GLN E 211 49.73 -65.10 -29.40
C GLN E 211 49.11 -65.88 -28.27
N THR E 212 49.53 -65.58 -27.04
CA THR E 212 49.06 -66.26 -25.84
C THR E 212 47.93 -65.48 -25.19
N TYR E 213 46.98 -66.22 -24.62
CA TYR E 213 45.79 -65.64 -24.01
C TYR E 213 45.60 -66.20 -22.61
N ILE E 214 45.43 -65.31 -21.64
CA ILE E 214 45.17 -65.69 -20.25
C ILE E 214 44.08 -64.77 -19.70
N CYS E 215 43.10 -65.35 -19.01
CA CYS E 215 42.03 -64.58 -18.39
C CYS E 215 42.35 -64.37 -16.91
N ASN E 216 42.05 -63.18 -16.42
CA ASN E 216 42.33 -62.79 -15.04
C ASN E 216 41.00 -62.66 -14.29
N VAL E 217 40.73 -63.59 -13.39
CA VAL E 217 39.48 -63.61 -12.63
C VAL E 217 39.76 -63.14 -11.21
N ASN E 218 38.95 -62.20 -10.74
CA ASN E 218 39.05 -61.70 -9.37
C ASN E 218 37.68 -61.80 -8.71
N HIS E 219 37.64 -62.35 -7.49
CA HIS E 219 36.42 -62.41 -6.69
C HIS E 219 36.77 -61.91 -5.29
N LYS E 220 36.33 -60.68 -4.98
CA LYS E 220 36.83 -60.03 -3.78
C LYS E 220 36.37 -60.69 -2.48
N PRO E 221 35.11 -61.12 -2.32
CA PRO E 221 34.72 -61.69 -1.02
C PRO E 221 35.47 -62.96 -0.62
N SER E 222 36.27 -63.54 -1.52
CA SER E 222 37.06 -64.72 -1.21
C SER E 222 38.56 -64.48 -1.26
N ASN E 223 38.99 -63.25 -1.55
CA ASN E 223 40.41 -62.90 -1.62
C ASN E 223 41.14 -63.75 -2.64
N THR E 224 40.45 -64.10 -3.73
CA THR E 224 41.00 -65.00 -4.74
C THR E 224 41.35 -64.22 -6.00
N LYS E 225 42.50 -64.56 -6.58
CA LYS E 225 42.95 -64.02 -7.86
C LYS E 225 43.59 -65.18 -8.62
N VAL E 226 42.88 -65.71 -9.61
CA VAL E 226 43.31 -66.90 -10.33
C VAL E 226 43.38 -66.59 -11.82
N ASP E 227 44.24 -67.32 -12.52
CA ASP E 227 44.42 -67.20 -13.95
C ASP E 227 44.42 -68.58 -14.58
N LYS E 228 44.25 -68.62 -15.90
CA LYS E 228 44.26 -69.87 -16.64
C LYS E 228 44.53 -69.59 -18.10
N LYS E 229 45.30 -70.47 -18.73
CA LYS E 229 45.61 -70.39 -20.15
C LYS E 229 44.47 -70.97 -20.97
N VAL E 230 44.45 -70.62 -22.26
CA VAL E 230 43.51 -71.18 -23.22
C VAL E 230 44.27 -71.56 -24.48
N GLU E 231 44.17 -72.82 -24.89
CA GLU E 231 44.89 -73.31 -26.06
C GLU E 231 44.25 -74.62 -26.50
N PRO E 232 44.18 -74.89 -27.81
CA PRO E 232 43.56 -76.11 -28.37
C PRO E 232 44.16 -77.40 -27.82
N SER F 4 9.11 -49.36 -5.07
CA SER F 4 8.66 -48.46 -6.12
C SER F 4 8.26 -49.23 -7.38
N TYR F 5 7.05 -48.98 -7.86
CA TYR F 5 6.57 -49.64 -9.07
C TYR F 5 7.01 -48.85 -10.30
N VAL F 6 6.69 -49.38 -11.49
CA VAL F 6 7.21 -48.86 -12.74
C VAL F 6 6.06 -48.50 -13.66
N ARG F 7 6.17 -47.35 -14.34
CA ARG F 7 5.21 -46.92 -15.34
C ARG F 7 5.78 -47.18 -16.73
N PRO F 8 5.08 -47.94 -17.58
CA PRO F 8 5.61 -48.20 -18.92
C PRO F 8 5.46 -47.00 -19.84
N LEU F 9 6.35 -46.93 -20.83
CA LEU F 9 6.31 -45.90 -21.85
C LEU F 9 6.92 -46.47 -23.13
N SER F 10 6.42 -45.99 -24.27
CA SER F 10 6.87 -46.50 -25.56
C SER F 10 6.84 -45.37 -26.57
N VAL F 11 8.02 -44.92 -27.01
CA VAL F 11 8.14 -43.99 -28.12
C VAL F 11 8.92 -44.68 -29.23
N ALA F 12 8.72 -44.18 -30.45
CA ALA F 12 9.41 -44.73 -31.60
C ALA F 12 10.80 -44.09 -31.74
N LEU F 13 11.69 -44.81 -32.42
CA LEU F 13 13.06 -44.34 -32.59
C LEU F 13 13.08 -43.03 -33.38
N GLY F 14 13.70 -42.01 -32.79
CA GLY F 14 13.80 -40.70 -33.42
C GLY F 14 12.68 -39.74 -33.08
N GLU F 15 11.62 -40.21 -32.42
CA GLU F 15 10.50 -39.33 -32.06
C GLU F 15 10.83 -38.49 -30.84
N THR F 16 9.81 -37.92 -30.22
CA THR F 16 9.97 -37.08 -29.03
C THR F 16 9.25 -37.73 -27.87
N ALA F 17 10.00 -37.98 -26.78
CA ALA F 17 9.43 -38.56 -25.58
C ALA F 17 8.89 -37.46 -24.67
N SER F 18 7.75 -37.73 -24.05
CA SER F 18 7.10 -36.79 -23.13
C SER F 18 6.81 -37.56 -21.84
N ILE F 19 7.73 -37.48 -20.89
CA ILE F 19 7.65 -38.22 -19.63
C ILE F 19 7.03 -37.27 -18.61
N SER F 20 5.75 -37.47 -18.31
CA SER F 20 5.09 -36.66 -17.31
C SER F 20 5.48 -37.11 -15.91
N CYS F 21 5.53 -36.15 -14.99
CA CYS F 21 5.87 -36.44 -13.60
C CYS F 21 4.69 -37.08 -12.90
N GLY F 22 4.94 -38.19 -12.21
CA GLY F 22 3.88 -38.89 -11.51
C GLY F 22 3.37 -38.22 -10.25
N ARG F 23 3.99 -37.11 -9.84
CA ARG F 23 3.61 -36.41 -8.61
C ARG F 23 3.67 -34.90 -8.89
N GLN F 24 2.55 -34.35 -9.34
CA GLN F 24 2.50 -32.92 -9.65
C GLN F 24 2.62 -32.09 -8.38
N ALA F 25 3.14 -30.88 -8.53
CA ALA F 25 3.47 -30.03 -7.41
C ALA F 25 2.26 -29.21 -6.96
N LEU F 26 2.30 -28.79 -5.69
CA LEU F 26 1.26 -27.96 -5.11
C LEU F 26 1.62 -26.49 -5.05
N GLY F 27 2.91 -26.17 -4.99
CA GLY F 27 3.39 -24.79 -4.99
C GLY F 27 4.50 -24.61 -6.01
N SER F 28 5.37 -23.65 -5.74
CA SER F 28 6.55 -23.46 -6.56
C SER F 28 7.48 -24.66 -6.39
N ARG F 29 7.98 -25.18 -7.50
CA ARG F 29 8.66 -26.46 -7.50
C ARG F 29 10.12 -26.33 -7.89
N ALA F 30 10.87 -27.38 -7.57
CA ALA F 30 12.27 -27.54 -8.00
C ALA F 30 12.44 -29.02 -8.31
N VAL F 31 12.29 -29.38 -9.58
CA VAL F 31 12.19 -30.78 -9.99
C VAL F 31 13.52 -31.26 -10.56
N GLN F 32 13.92 -32.47 -10.18
CA GLN F 32 15.12 -33.12 -10.70
C GLN F 32 14.72 -34.31 -11.57
N TRP F 33 15.53 -34.56 -12.60
CA TRP F 33 15.32 -35.69 -13.50
C TRP F 33 16.58 -36.53 -13.52
N TYR F 34 16.46 -37.80 -13.12
CA TYR F 34 17.57 -38.74 -13.10
C TYR F 34 17.33 -39.83 -14.12
N GLN F 35 18.35 -40.12 -14.93
CA GLN F 35 18.34 -41.26 -15.83
C GLN F 35 19.07 -42.40 -15.16
N HIS F 36 18.35 -43.47 -14.83
CA HIS F 36 18.91 -44.63 -14.14
C HIS F 36 18.76 -45.86 -15.03
N ARG F 37 19.87 -46.36 -15.52
CA ARG F 37 19.84 -47.67 -16.18
C ARG F 37 20.01 -48.76 -15.13
N PRO F 38 19.16 -49.79 -15.14
CA PRO F 38 19.18 -50.77 -14.04
C PRO F 38 20.54 -51.43 -13.88
N GLY F 39 20.99 -51.54 -12.63
CA GLY F 39 22.30 -52.07 -12.33
C GLY F 39 23.42 -51.19 -12.83
N GLN F 40 23.29 -49.88 -12.61
CA GLN F 40 24.26 -48.92 -13.12
C GLN F 40 24.09 -47.62 -12.36
N ALA F 41 24.98 -46.68 -12.62
CA ALA F 41 24.96 -45.39 -11.92
C ALA F 41 23.86 -44.50 -12.51
N PRO F 42 23.03 -43.88 -11.67
CA PRO F 42 22.07 -42.91 -12.19
C PRO F 42 22.77 -41.70 -12.81
N ILE F 43 22.07 -41.05 -13.73
CA ILE F 43 22.60 -39.92 -14.48
C ILE F 43 21.70 -38.73 -14.22
N LEU F 44 22.27 -37.65 -13.67
CA LEU F 44 21.52 -36.42 -13.47
C LEU F 44 21.30 -35.74 -14.82
N LEU F 45 20.06 -35.76 -15.30
CA LEU F 45 19.75 -35.12 -16.57
C LEU F 45 19.46 -33.64 -16.38
N ILE F 46 18.60 -33.31 -15.42
CA ILE F 46 18.14 -31.95 -15.20
C ILE F 46 17.92 -31.76 -13.69
N TYR F 47 18.60 -30.77 -13.10
CA TYR F 47 18.58 -30.61 -11.64
C TYR F 47 17.62 -29.51 -11.18
N ASN F 48 17.80 -28.28 -11.66
CA ASN F 48 16.75 -27.29 -11.46
C ASN F 48 15.54 -27.66 -12.33
N ASN F 49 14.47 -26.88 -12.23
CA ASN F 49 13.29 -27.17 -13.04
C ASN F 49 13.61 -27.27 -14.52
N GLN F 50 14.69 -26.62 -14.97
CA GLN F 50 14.99 -26.49 -16.38
C GLN F 50 16.48 -26.53 -16.70
N ASP F 51 17.37 -26.49 -15.70
CA ASP F 51 18.80 -26.44 -15.93
C ASP F 51 19.39 -27.84 -16.03
N ARG F 52 20.35 -28.00 -16.95
CA ARG F 52 21.06 -29.24 -17.14
C ARG F 52 22.52 -29.10 -16.72
N PRO F 53 23.17 -30.19 -16.32
CA PRO F 53 24.60 -30.14 -16.02
C PRO F 53 25.44 -30.19 -17.29
N SER F 54 26.75 -30.10 -17.11
CA SER F 54 27.67 -30.19 -18.23
C SER F 54 27.78 -31.63 -18.71
N GLY F 55 27.50 -31.85 -19.99
CA GLY F 55 27.56 -33.17 -20.58
C GLY F 55 26.22 -33.85 -20.84
N ILE F 56 25.13 -33.12 -20.89
CA ILE F 56 23.81 -33.66 -21.19
C ILE F 56 23.34 -33.02 -22.49
N PRO F 57 22.84 -33.80 -23.46
CA PRO F 57 22.48 -33.22 -24.76
C PRO F 57 21.36 -32.20 -24.65
N GLU F 58 21.31 -31.30 -25.63
CA GLU F 58 20.25 -30.30 -25.71
C GLU F 58 18.88 -30.95 -25.82
N ARG F 59 18.82 -32.16 -26.38
CA ARG F 59 17.55 -32.86 -26.59
C ARG F 59 16.86 -33.28 -25.31
N PHE F 60 17.47 -33.07 -24.15
CA PHE F 60 16.83 -33.33 -22.86
C PHE F 60 16.38 -31.99 -22.29
N SER F 61 15.06 -31.81 -22.20
CA SER F 61 14.49 -30.53 -21.78
C SER F 61 13.46 -30.76 -20.68
N GLY F 62 13.44 -29.84 -19.72
CA GLY F 62 12.47 -29.89 -18.64
C GLY F 62 11.75 -28.57 -18.50
N THR F 63 10.47 -28.65 -18.17
CA THR F 63 9.61 -27.47 -18.18
C THR F 63 9.87 -26.61 -16.95
N PRO F 64 10.22 -25.33 -17.12
CA PRO F 64 10.30 -24.43 -15.97
C PRO F 64 8.92 -23.97 -15.53
N ASP F 65 8.83 -23.55 -14.27
CA ASP F 65 7.58 -23.01 -13.73
C ASP F 65 7.70 -21.49 -13.67
N ILE F 66 7.23 -20.83 -14.73
CA ILE F 66 7.09 -19.38 -14.72
C ILE F 66 5.72 -18.97 -14.21
N ASN F 67 4.67 -19.53 -14.79
CA ASN F 67 3.32 -19.43 -14.25
C ASN F 67 2.98 -20.74 -13.56
N PHE F 68 2.31 -20.65 -12.41
CA PHE F 68 1.91 -21.84 -11.68
C PHE F 68 0.78 -22.55 -12.41
N GLY F 69 0.83 -23.88 -12.42
CA GLY F 69 -0.14 -24.72 -13.08
C GLY F 69 0.46 -25.65 -14.13
N THR F 70 1.60 -25.28 -14.67
CA THR F 70 2.28 -26.12 -15.66
C THR F 70 2.97 -27.28 -14.96
N ARG F 71 2.52 -28.50 -15.25
CA ARG F 71 3.11 -29.68 -14.64
C ARG F 71 4.50 -29.95 -15.21
N ALA F 72 5.36 -30.54 -14.39
CA ALA F 72 6.72 -30.83 -14.80
C ALA F 72 6.75 -32.06 -15.69
N THR F 73 7.38 -31.94 -16.85
CA THR F 73 7.56 -33.05 -17.77
C THR F 73 8.98 -33.05 -18.29
N LEU F 74 9.49 -34.25 -18.59
CA LEU F 74 10.78 -34.41 -19.23
C LEU F 74 10.58 -34.72 -20.71
N THR F 75 11.21 -33.93 -21.57
CA THR F 75 11.06 -34.05 -23.02
C THR F 75 12.38 -34.53 -23.62
N ILE F 76 12.34 -35.68 -24.28
CA ILE F 76 13.49 -36.25 -24.96
C ILE F 76 13.20 -36.21 -26.46
N SER F 77 13.85 -35.31 -27.17
CA SER F 77 13.68 -35.20 -28.62
C SER F 77 14.76 -36.02 -29.32
N GLY F 78 14.38 -36.64 -30.44
CA GLY F 78 15.29 -37.51 -31.16
C GLY F 78 15.76 -38.66 -30.31
N VAL F 79 14.81 -39.50 -29.87
CA VAL F 79 15.12 -40.58 -28.94
C VAL F 79 15.98 -41.62 -29.62
N GLU F 80 17.03 -42.07 -28.93
CA GLU F 80 17.89 -43.14 -29.39
C GLU F 80 17.45 -44.47 -28.76
N ALA F 81 18.14 -45.54 -29.16
CA ALA F 81 17.95 -46.81 -28.48
C ALA F 81 18.63 -46.82 -27.11
N GLY F 82 19.72 -46.06 -26.98
CA GLY F 82 20.39 -45.92 -25.69
C GLY F 82 19.62 -45.11 -24.67
N ASP F 83 18.56 -44.41 -25.09
CA ASP F 83 17.72 -43.66 -24.18
C ASP F 83 16.75 -44.56 -23.40
N GLU F 84 16.77 -45.87 -23.64
CA GLU F 84 16.00 -46.80 -22.84
C GLU F 84 16.60 -46.90 -21.45
N ALA F 85 15.84 -46.48 -20.43
CA ALA F 85 16.30 -46.51 -19.05
C ALA F 85 15.10 -46.23 -18.15
N ASP F 86 15.36 -46.19 -16.85
CA ASP F 86 14.40 -45.67 -15.89
C ASP F 86 14.58 -44.17 -15.76
N TYR F 87 13.46 -43.46 -15.61
CA TYR F 87 13.47 -42.01 -15.44
C TYR F 87 12.66 -41.65 -14.20
N TYR F 88 13.28 -40.91 -13.29
CA TYR F 88 12.68 -40.53 -12.02
C TYR F 88 12.37 -39.05 -12.01
N CYS F 89 11.32 -38.68 -11.27
CA CYS F 89 10.93 -37.28 -11.08
C CYS F 89 11.07 -36.95 -9.60
N HIS F 90 12.15 -36.25 -9.26
CA HIS F 90 12.42 -35.85 -7.88
C HIS F 90 11.72 -34.53 -7.62
N MET F 91 10.53 -34.59 -7.05
CA MET F 91 9.66 -33.41 -6.93
C MET F 91 9.85 -32.75 -5.57
N TRP F 92 10.34 -31.51 -5.59
CA TRP F 92 10.36 -30.63 -4.43
C TRP F 92 9.41 -29.46 -4.69
N ASP F 93 8.63 -29.09 -3.68
CA ASP F 93 7.80 -27.91 -3.80
C ASP F 93 7.63 -27.27 -2.41
N SER F 94 7.05 -26.08 -2.41
CA SER F 94 6.93 -25.29 -1.18
C SER F 94 5.85 -25.82 -0.24
N ARG F 95 4.92 -26.64 -0.73
CA ARG F 95 3.82 -27.12 0.09
C ARG F 95 4.14 -28.46 0.75
N SER F 96 4.54 -29.46 -0.05
CA SER F 96 4.92 -30.74 0.50
C SER F 96 6.24 -30.61 1.27
N GLY F 97 6.54 -31.64 2.06
CA GLY F 97 7.70 -31.59 2.93
C GLY F 97 9.03 -31.80 2.22
N PHE F 98 9.84 -32.72 2.74
CA PHE F 98 11.16 -33.01 2.21
C PHE F 98 11.07 -34.21 1.27
N SER F 99 11.60 -34.06 0.06
CA SER F 99 11.49 -35.09 -0.97
C SER F 99 12.52 -36.18 -0.70
N TRP F 100 12.21 -37.02 0.29
CA TRP F 100 13.10 -38.13 0.60
C TRP F 100 13.06 -39.18 -0.50
N SER F 101 11.86 -39.50 -1.00
CA SER F 101 11.70 -40.48 -2.06
C SER F 101 11.91 -39.83 -3.42
N PHE F 102 12.50 -40.58 -4.34
CA PHE F 102 12.58 -40.17 -5.73
C PHE F 102 11.21 -40.35 -6.38
N GLY F 103 11.14 -40.23 -7.69
CA GLY F 103 9.90 -40.47 -8.40
C GLY F 103 9.48 -41.92 -8.33
N GLY F 104 8.41 -42.24 -9.04
CA GLY F 104 8.01 -43.61 -9.20
C GLY F 104 9.01 -44.35 -10.05
N ALA F 105 8.70 -44.52 -11.33
CA ALA F 105 9.62 -45.09 -12.33
C ALA F 105 8.95 -45.11 -13.69
N THR F 106 9.48 -44.32 -14.64
CA THR F 106 9.03 -44.36 -16.03
C THR F 106 10.11 -45.05 -16.84
N ARG F 107 9.82 -46.27 -17.28
CA ARG F 107 10.76 -47.07 -18.06
C ARG F 107 10.43 -46.91 -19.54
N LEU F 108 11.28 -46.18 -20.26
CA LEU F 108 11.06 -45.89 -21.68
C LEU F 108 11.61 -47.05 -22.51
N THR F 109 10.75 -47.65 -23.33
CA THR F 109 11.13 -48.70 -24.25
C THR F 109 10.95 -48.20 -25.68
N VAL F 110 12.04 -48.09 -26.41
CA VAL F 110 12.03 -47.47 -27.73
C VAL F 110 11.63 -48.53 -28.77
N LEU F 111 10.60 -48.23 -29.54
CA LEU F 111 10.10 -49.14 -30.56
C LEU F 111 10.75 -48.85 -31.90
N GLY F 112 10.79 -49.87 -32.75
CA GLY F 112 11.29 -49.71 -34.10
C GLY F 112 12.79 -49.85 -34.27
N GLN F 113 13.46 -50.60 -33.40
CA GLN F 113 14.88 -50.81 -33.53
C GLN F 113 15.17 -51.91 -34.54
N PRO F 114 16.39 -51.94 -35.11
CA PRO F 114 16.72 -53.00 -36.07
C PRO F 114 16.77 -54.36 -35.39
N LYS F 115 16.10 -55.34 -36.00
CA LYS F 115 16.16 -56.71 -35.51
C LYS F 115 17.50 -57.34 -35.90
N ALA F 116 18.18 -57.92 -34.91
CA ALA F 116 19.46 -58.58 -35.12
C ALA F 116 19.38 -59.99 -34.59
N ALA F 117 19.88 -60.95 -35.37
CA ALA F 117 19.86 -62.34 -34.97
C ALA F 117 21.02 -62.66 -34.05
N PRO F 118 20.85 -63.65 -33.16
CA PRO F 118 21.89 -63.93 -32.16
C PRO F 118 23.14 -64.53 -32.79
N SER F 119 24.17 -64.66 -31.96
CA SER F 119 25.46 -65.27 -32.34
C SER F 119 25.74 -66.37 -31.33
N VAL F 120 25.20 -67.56 -31.60
CA VAL F 120 25.29 -68.68 -30.68
C VAL F 120 26.66 -69.34 -30.81
N THR F 121 27.25 -69.70 -29.66
CA THR F 121 28.53 -70.38 -29.65
C THR F 121 28.53 -71.36 -28.48
N LEU F 122 28.67 -72.65 -28.78
CA LEU F 122 28.61 -73.71 -27.78
C LEU F 122 30.01 -74.27 -27.55
N PHE F 123 30.42 -74.34 -26.27
CA PHE F 123 31.71 -74.90 -25.90
C PHE F 123 31.53 -76.26 -25.24
N PRO F 124 32.40 -77.22 -25.57
CA PRO F 124 32.35 -78.52 -24.89
C PRO F 124 32.86 -78.40 -23.46
N PRO F 125 32.69 -79.45 -22.65
CA PRO F 125 33.27 -79.41 -21.30
C PRO F 125 34.78 -79.25 -21.34
N SER F 126 35.30 -78.54 -20.34
CA SER F 126 36.73 -78.32 -20.24
C SER F 126 37.44 -79.61 -19.83
N SER F 127 38.74 -79.65 -20.11
CA SER F 127 39.53 -80.83 -19.77
C SER F 127 39.74 -80.93 -18.27
N GLU F 128 40.00 -79.80 -17.61
CA GLU F 128 40.26 -79.82 -16.17
C GLU F 128 39.02 -80.20 -15.38
N GLU F 129 37.85 -79.69 -15.77
CA GLU F 129 36.63 -80.01 -15.04
C GLU F 129 36.18 -81.44 -15.30
N LEU F 130 36.38 -81.95 -16.53
CA LEU F 130 36.16 -83.36 -16.77
C LEU F 130 37.07 -84.21 -15.90
N GLN F 131 38.31 -83.74 -15.68
CA GLN F 131 39.19 -84.38 -14.72
C GLN F 131 38.73 -84.16 -13.28
N ALA F 132 37.84 -83.19 -13.06
CA ALA F 132 37.26 -82.93 -11.75
C ALA F 132 35.88 -83.57 -11.59
N ASN F 133 35.55 -84.52 -12.47
CA ASN F 133 34.34 -85.35 -12.36
C ASN F 133 33.06 -84.54 -12.52
N LYS F 134 33.11 -83.45 -13.31
CA LYS F 134 31.92 -82.65 -13.59
C LYS F 134 32.07 -82.01 -14.97
N ALA F 135 31.03 -82.14 -15.79
CA ALA F 135 31.02 -81.60 -17.15
C ALA F 135 30.04 -80.45 -17.24
N THR F 136 30.28 -79.55 -18.20
CA THR F 136 29.44 -78.39 -18.40
C THR F 136 29.44 -77.98 -19.85
N LEU F 137 28.25 -77.90 -20.46
CA LEU F 137 28.07 -77.33 -21.78
C LEU F 137 27.61 -75.89 -21.63
N VAL F 138 28.31 -74.97 -22.28
CA VAL F 138 28.06 -73.54 -22.15
C VAL F 138 27.69 -72.99 -23.51
N CYS F 139 26.40 -72.67 -23.70
CA CYS F 139 25.87 -72.17 -24.96
C CYS F 139 25.69 -70.67 -24.82
N LEU F 140 26.59 -69.90 -25.42
CA LEU F 140 26.63 -68.45 -25.26
C LEU F 140 25.91 -67.77 -26.42
N ILE F 141 24.96 -66.90 -26.09
CA ILE F 141 24.11 -66.22 -27.06
C ILE F 141 24.29 -64.72 -26.86
N SER F 142 24.45 -63.99 -27.97
CA SER F 142 24.75 -62.57 -27.87
C SER F 142 24.29 -61.83 -29.11
N ASP F 143 24.16 -60.51 -28.97
CA ASP F 143 23.94 -59.59 -30.10
C ASP F 143 22.63 -59.90 -30.82
N PHE F 144 21.55 -60.06 -30.04
CA PHE F 144 20.23 -60.29 -30.60
C PHE F 144 19.26 -59.22 -30.12
N TYR F 145 18.27 -58.94 -30.96
CA TYR F 145 17.20 -57.99 -30.66
C TYR F 145 15.98 -58.40 -31.48
N PRO F 146 14.77 -58.35 -30.90
CA PRO F 146 14.46 -57.96 -29.52
C PRO F 146 14.90 -58.98 -28.48
N GLY F 147 15.39 -58.49 -27.34
CA GLY F 147 15.98 -59.33 -26.33
C GLY F 147 15.06 -60.34 -25.69
N ALA F 148 14.87 -61.48 -26.35
CA ALA F 148 14.09 -62.57 -25.83
C ALA F 148 14.30 -63.83 -26.67
N VAL F 149 14.95 -64.84 -26.10
CA VAL F 149 15.24 -66.08 -26.80
C VAL F 149 14.79 -67.25 -25.95
N THR F 150 14.44 -68.34 -26.61
CA THR F 150 14.12 -69.61 -25.97
C THR F 150 15.22 -70.61 -26.31
N VAL F 151 15.70 -71.33 -25.29
CA VAL F 151 16.83 -72.25 -25.45
C VAL F 151 16.34 -73.66 -25.21
N ALA F 152 16.61 -74.55 -26.17
CA ALA F 152 16.36 -75.98 -26.02
C ALA F 152 17.67 -76.74 -26.16
N TRP F 153 17.78 -77.84 -25.43
CA TRP F 153 18.96 -78.69 -25.45
C TRP F 153 18.59 -80.07 -25.95
N LYS F 154 19.38 -80.59 -26.89
CA LYS F 154 19.16 -81.90 -27.47
C LYS F 154 20.35 -82.79 -27.18
N ALA F 155 20.10 -83.93 -26.55
CA ALA F 155 21.09 -84.99 -26.39
C ALA F 155 20.94 -85.95 -27.56
N ASP F 156 21.92 -85.94 -28.47
CA ASP F 156 21.82 -86.64 -29.74
C ASP F 156 20.59 -86.17 -30.50
N SER F 157 19.43 -86.74 -30.17
CA SER F 157 18.17 -86.31 -30.79
C SER F 157 17.03 -86.24 -29.78
N SER F 158 17.30 -86.44 -28.50
CA SER F 158 16.28 -86.38 -27.46
C SER F 158 16.39 -85.07 -26.69
N PRO F 159 15.26 -84.44 -26.36
CA PRO F 159 15.31 -83.21 -25.55
C PRO F 159 15.83 -83.50 -24.15
N VAL F 160 16.47 -82.49 -23.56
CA VAL F 160 17.13 -82.65 -22.27
C VAL F 160 16.26 -82.10 -21.15
N LYS F 161 16.13 -80.77 -21.10
CA LYS F 161 15.29 -80.07 -20.13
C LYS F 161 15.78 -80.24 -18.69
N ALA F 162 16.25 -81.43 -18.33
CA ALA F 162 16.70 -81.69 -16.97
C ALA F 162 18.14 -81.24 -16.80
N GLY F 163 18.37 -80.32 -15.86
CA GLY F 163 19.72 -79.90 -15.53
C GLY F 163 20.27 -78.78 -16.39
N VAL F 164 19.43 -77.81 -16.76
CA VAL F 164 19.86 -76.68 -17.57
C VAL F 164 19.38 -75.39 -16.90
N GLU F 165 20.31 -74.44 -16.73
CA GLU F 165 20.00 -73.09 -16.30
C GLU F 165 20.17 -72.14 -17.47
N THR F 166 19.35 -71.10 -17.51
CA THR F 166 19.36 -70.17 -18.64
C THR F 166 19.25 -68.74 -18.15
N THR F 167 20.12 -67.88 -18.67
CA THR F 167 20.14 -66.47 -18.30
C THR F 167 19.02 -65.70 -18.97
N THR F 168 18.38 -64.79 -18.21
CA THR F 168 17.42 -63.88 -18.80
C THR F 168 18.16 -62.78 -19.58
N PRO F 169 17.68 -62.45 -20.80
CA PRO F 169 18.46 -61.58 -21.69
C PRO F 169 18.84 -60.23 -21.09
N SER F 170 20.10 -60.09 -20.69
CA SER F 170 20.62 -58.80 -20.27
C SER F 170 20.97 -57.95 -21.49
N LYS F 171 21.22 -56.67 -21.26
CA LYS F 171 21.50 -55.73 -22.33
C LYS F 171 23.00 -55.47 -22.45
N GLN F 172 23.44 -55.15 -23.66
CA GLN F 172 24.84 -54.89 -23.96
C GLN F 172 25.06 -53.39 -24.19
N SER F 173 26.34 -53.02 -24.34
CA SER F 173 26.70 -51.64 -24.62
C SER F 173 26.31 -51.21 -26.03
N ASN F 174 26.15 -52.16 -26.94
CA ASN F 174 25.72 -51.87 -28.30
C ASN F 174 24.21 -51.90 -28.45
N ASN F 175 23.47 -51.87 -27.35
CA ASN F 175 22.01 -51.88 -27.29
C ASN F 175 21.40 -53.19 -27.77
N LYS F 176 22.20 -54.23 -27.96
CA LYS F 176 21.71 -55.56 -28.21
C LYS F 176 21.70 -56.34 -26.91
N TYR F 177 21.26 -57.60 -26.97
CA TYR F 177 21.07 -58.41 -25.78
C TYR F 177 21.95 -59.65 -25.81
N ALA F 178 22.13 -60.24 -24.62
CA ALA F 178 22.98 -61.41 -24.45
C ALA F 178 22.41 -62.28 -23.35
N ALA F 179 22.68 -63.58 -23.44
CA ALA F 179 22.17 -64.53 -22.46
C ALA F 179 23.00 -65.81 -22.52
N SER F 180 23.40 -66.31 -21.35
CA SER F 180 24.10 -67.58 -21.24
C SER F 180 23.10 -68.73 -21.13
N SER F 181 23.62 -69.95 -21.17
CA SER F 181 22.79 -71.14 -21.02
C SER F 181 23.72 -72.31 -20.68
N TYR F 182 23.75 -72.69 -19.39
CA TYR F 182 24.65 -73.73 -18.90
C TYR F 182 23.88 -75.04 -18.80
N LEU F 183 24.38 -76.08 -19.47
CA LEU F 183 23.93 -77.44 -19.27
C LEU F 183 24.96 -78.19 -18.44
N SER F 184 24.55 -78.67 -17.27
CA SER F 184 25.44 -79.37 -16.36
C SER F 184 25.26 -80.88 -16.55
N LEU F 185 26.32 -81.54 -17.01
CA LEU F 185 26.30 -82.97 -17.27
C LEU F 185 27.27 -83.69 -16.33
N THR F 186 26.94 -84.94 -16.02
CA THR F 186 27.92 -85.81 -15.40
C THR F 186 28.98 -86.18 -16.43
N PRO F 187 30.24 -86.34 -16.02
CA PRO F 187 31.29 -86.62 -17.00
C PRO F 187 31.06 -87.89 -17.79
N MET F 188 30.32 -88.85 -17.23
CA MET F 188 30.02 -90.09 -17.96
C MET F 188 28.88 -89.88 -18.95
N GLN F 189 27.86 -89.12 -18.56
CA GLN F 189 26.76 -88.82 -19.48
C GLN F 189 27.26 -88.06 -20.70
N TRP F 190 28.29 -87.22 -20.52
CA TRP F 190 28.85 -86.47 -21.64
C TRP F 190 29.56 -87.37 -22.64
N LYS F 191 30.18 -88.45 -22.17
CA LYS F 191 30.91 -89.35 -23.04
C LYS F 191 30.02 -90.45 -23.64
N MET F 192 28.91 -90.77 -22.99
CA MET F 192 28.03 -91.85 -23.46
C MET F 192 27.10 -91.42 -24.58
N HIS F 193 27.17 -90.17 -25.03
CA HIS F 193 26.32 -89.68 -26.10
C HIS F 193 27.18 -89.29 -27.30
N LYS F 194 26.53 -89.28 -28.47
CA LYS F 194 27.24 -88.97 -29.71
C LYS F 194 27.40 -87.46 -29.89
N SER F 195 26.32 -86.71 -29.75
CA SER F 195 26.37 -85.27 -29.95
C SER F 195 25.40 -84.58 -29.01
N TYR F 196 25.68 -83.30 -28.74
CA TYR F 196 24.82 -82.45 -27.93
C TYR F 196 24.58 -81.14 -28.68
N SER F 197 23.31 -80.80 -28.87
CA SER F 197 22.92 -79.63 -29.64
C SER F 197 22.31 -78.57 -28.74
N CYS F 198 22.46 -77.31 -29.16
CA CYS F 198 21.88 -76.16 -28.47
C CYS F 198 20.98 -75.43 -29.47
N GLN F 199 19.67 -75.46 -29.23
CA GLN F 199 18.70 -74.79 -30.08
C GLN F 199 18.32 -73.45 -29.46
N VAL F 200 18.58 -72.37 -30.20
CA VAL F 200 18.28 -71.02 -29.74
C VAL F 200 17.28 -70.43 -30.73
N THR F 201 16.01 -70.41 -30.35
CA THR F 201 14.92 -69.90 -31.19
C THR F 201 14.68 -68.44 -30.82
N HIS F 202 15.17 -67.53 -31.66
CA HIS F 202 15.02 -66.09 -31.45
C HIS F 202 13.99 -65.55 -32.43
N GLU F 203 12.99 -64.85 -31.88
CA GLU F 203 11.88 -64.29 -32.66
C GLU F 203 11.18 -65.38 -33.46
N GLY F 204 11.38 -65.40 -34.77
CA GLY F 204 10.72 -66.34 -35.64
C GLY F 204 11.50 -67.57 -36.05
N SER F 205 12.77 -67.67 -35.65
CA SER F 205 13.65 -68.69 -36.19
C SER F 205 14.50 -69.30 -35.09
N THR F 206 14.98 -70.51 -35.36
CA THR F 206 15.88 -71.22 -34.46
C THR F 206 17.25 -71.36 -35.10
N VAL F 207 18.28 -71.35 -34.26
CA VAL F 207 19.66 -71.58 -34.68
C VAL F 207 20.23 -72.70 -33.83
N GLU F 208 21.06 -73.54 -34.43
CA GLU F 208 21.59 -74.72 -33.76
C GLU F 208 23.12 -74.71 -33.78
N LYS F 209 23.72 -75.14 -32.67
CA LYS F 209 25.16 -75.28 -32.53
C LYS F 209 25.41 -76.58 -31.80
N THR F 210 26.02 -77.55 -32.47
CA THR F 210 26.21 -78.90 -31.92
C THR F 210 27.67 -79.13 -31.56
N VAL F 211 27.89 -80.02 -30.60
CA VAL F 211 29.22 -80.33 -30.07
C VAL F 211 29.28 -81.81 -29.72
N ALA F 212 30.36 -82.48 -30.13
CA ALA F 212 30.53 -83.90 -29.92
C ALA F 212 31.84 -84.18 -29.19
N PRO F 213 31.90 -85.27 -28.40
CA PRO F 213 33.15 -85.59 -27.69
C PRO F 213 34.20 -86.27 -28.57
N THR F 214 35.06 -85.47 -29.20
CA THR F 214 36.15 -86.00 -29.99
C THR F 214 37.45 -85.24 -29.73
#